data_9LJ3
#
_entry.id   9LJ3
#
_cell.length_a   70.422
_cell.length_b   77.159
_cell.length_c   78.099
_cell.angle_alpha   90.00
_cell.angle_beta   97.98
_cell.angle_gamma   90.00
#
_symmetry.space_group_name_H-M   'P 1 21 1'
#
loop_
_entity.id
_entity.type
_entity.pdbx_description
1 polymer 'Programmed cell death 1 ligand 1'
2 non-polymer 3-[[4-chloranyl-2-[(2-hydroxyethylamino)methyl]-5-[[2-methyl-3-[3-[2-[2-[(3~{R})-3-oxidanylpyrrolidin-1-yl]ethoxy]ethoxy]phenyl]phenyl]methoxy]phenoxy]methyl]benzenecarbonitrile
3 water water
#
_entity_poly.entity_id   1
_entity_poly.type   'polypeptide(L)'
_entity_poly.pdbx_seq_one_letter_code
;AFTVTVPKDLYVVEYGSNMTIECKFPVEKQLDLAALIVYWEMEDKNIIQFVHGEEDLKVQHSSYRQRARLLKDQLSLGNA
ALQITDVKLQDAGVYRCMISYGGADYKRITVKVNAPYHHHHHH
;
_entity_poly.pdbx_strand_id   B,A,C,D,E,F
#
# COMPACT_ATOMS: atom_id res chain seq x y z
N ALA A 1 -11.36 -2.40 -32.22
CA ALA A 1 -11.15 -1.69 -30.97
C ALA A 1 -9.82 -2.08 -30.33
N PHE A 2 -9.17 -1.10 -29.68
CA PHE A 2 -7.91 -1.34 -29.01
C PHE A 2 -8.10 -2.35 -27.88
N THR A 3 -7.20 -3.34 -27.82
CA THR A 3 -7.32 -4.42 -26.85
C THR A 3 -5.96 -4.75 -26.25
N VAL A 4 -5.94 -4.95 -24.93
CA VAL A 4 -4.76 -5.37 -24.20
C VAL A 4 -4.92 -6.85 -23.85
N THR A 5 -3.91 -7.65 -24.17
CA THR A 5 -3.95 -9.09 -23.94
C THR A 5 -2.84 -9.51 -23.00
N VAL A 6 -3.13 -10.53 -22.19
CA VAL A 6 -2.16 -11.10 -21.25
C VAL A 6 -2.11 -12.60 -21.47
N PRO A 7 -0.93 -13.18 -21.73
CA PRO A 7 -0.86 -14.64 -21.92
C PRO A 7 -1.12 -15.43 -20.66
N LYS A 8 -0.91 -14.84 -19.49
CA LYS A 8 -1.18 -15.47 -18.21
C LYS A 8 -1.85 -14.48 -17.29
N ASP A 9 -2.90 -14.92 -16.60
CA ASP A 9 -3.59 -14.10 -15.62
C ASP A 9 -3.37 -14.59 -14.19
N LEU A 10 -2.50 -15.57 -14.02
CA LEU A 10 -2.15 -16.08 -12.69
C LEU A 10 -0.69 -16.48 -12.68
N TYR A 11 0.09 -15.90 -11.78
CA TYR A 11 1.50 -16.23 -11.62
C TYR A 11 1.73 -16.82 -10.24
N VAL A 12 2.43 -17.94 -10.19
CA VAL A 12 2.84 -18.59 -8.94
C VAL A 12 4.37 -18.53 -8.89
N VAL A 13 4.89 -17.79 -7.91
CA VAL A 13 6.32 -17.55 -7.82
C VAL A 13 6.83 -18.04 -6.46
N GLU A 14 8.11 -18.36 -6.41
CA GLU A 14 8.75 -18.79 -5.18
C GLU A 14 9.24 -17.57 -4.39
N TYR A 15 9.40 -17.77 -3.09
CA TYR A 15 9.87 -16.68 -2.24
C TYR A 15 11.32 -16.39 -2.58
N GLY A 16 11.63 -15.12 -2.80
CA GLY A 16 12.98 -14.71 -3.10
C GLY A 16 13.41 -14.84 -4.54
N SER A 17 12.56 -15.38 -5.41
CA SER A 17 12.90 -15.50 -6.81
C SER A 17 12.45 -14.24 -7.55
N ASN A 18 12.80 -14.16 -8.83
CA ASN A 18 12.41 -13.05 -9.67
C ASN A 18 11.19 -13.43 -10.53
N MET A 19 10.41 -12.42 -10.91
CA MET A 19 9.19 -12.61 -11.68
C MET A 19 9.05 -11.49 -12.70
N THR A 20 8.63 -11.86 -13.91
CA THR A 20 8.38 -10.89 -14.99
C THR A 20 6.99 -11.17 -15.54
N ILE A 21 6.06 -10.28 -15.25
CA ILE A 21 4.67 -10.42 -15.70
C ILE A 21 4.52 -9.69 -17.03
N GLU A 22 3.93 -10.36 -18.01
CA GLU A 22 3.84 -9.83 -19.36
C GLU A 22 2.46 -9.22 -19.60
N CYS A 23 2.45 -8.20 -20.46
CA CYS A 23 1.23 -7.48 -20.79
C CYS A 23 1.44 -6.88 -22.17
N LYS A 24 0.63 -7.32 -23.13
CA LYS A 24 0.86 -6.98 -24.53
C LYS A 24 -0.23 -6.07 -25.06
N PHE A 25 0.15 -5.24 -26.01
CA PHE A 25 -0.71 -4.29 -26.70
C PHE A 25 -0.22 -4.21 -28.14
N PRO A 26 -1.13 -4.03 -29.10
CA PRO A 26 -0.70 -4.06 -30.50
C PRO A 26 0.07 -2.82 -30.88
N VAL A 27 1.17 -3.04 -31.62
CA VAL A 27 2.00 -1.97 -32.14
C VAL A 27 2.17 -2.26 -33.62
N GLU A 28 1.84 -1.31 -34.47
CA GLU A 28 1.89 -1.53 -35.91
C GLU A 28 2.97 -0.62 -36.49
N LYS A 29 4.01 -1.25 -37.01
CA LYS A 29 5.16 -0.75 -37.78
C LYS A 29 6.25 -0.02 -37.02
N GLN A 30 5.94 0.56 -35.86
CA GLN A 30 6.85 1.36 -35.04
C GLN A 30 6.13 1.80 -33.77
N LEU A 31 6.90 2.21 -32.78
CA LEU A 31 6.36 2.72 -31.51
C LEU A 31 6.57 4.22 -31.42
N ASP A 32 5.47 4.96 -31.24
CA ASP A 32 5.47 6.41 -31.08
C ASP A 32 5.47 6.71 -29.58
N LEU A 33 6.64 7.03 -29.03
CA LEU A 33 6.76 7.23 -27.59
C LEU A 33 5.91 8.37 -27.09
N ALA A 34 5.61 9.35 -27.94
CA ALA A 34 4.82 10.50 -27.53
C ALA A 34 3.34 10.19 -27.36
N ALA A 35 2.88 9.03 -27.85
CA ALA A 35 1.48 8.65 -27.73
C ALA A 35 1.25 7.47 -26.79
N LEU A 36 2.30 6.93 -26.18
CA LEU A 36 2.19 5.76 -25.34
C LEU A 36 2.22 6.15 -23.87
N ILE A 37 1.27 5.63 -23.10
CA ILE A 37 1.21 5.81 -21.66
C ILE A 37 1.02 4.43 -21.03
N VAL A 38 1.94 4.05 -20.15
CA VAL A 38 1.90 2.75 -19.48
C VAL A 38 1.85 2.98 -17.98
N TYR A 39 0.97 2.25 -17.30
CA TYR A 39 0.79 2.40 -15.86
C TYR A 39 0.62 1.04 -15.23
N TRP A 40 1.45 0.75 -14.23
CA TRP A 40 1.37 -0.48 -13.47
C TRP A 40 1.01 -0.14 -12.04
N GLU A 41 0.18 -0.99 -11.42
CA GLU A 41 -0.25 -0.74 -10.07
C GLU A 41 -0.64 -2.05 -9.39
N MET A 42 -0.78 -1.98 -8.09
CA MET A 42 -1.24 -3.11 -7.33
C MET A 42 -1.91 -2.47 -6.17
N GLU A 43 -3.14 -2.86 -5.90
CA GLU A 43 -3.90 -2.24 -4.86
C GLU A 43 -3.99 -0.81 -5.20
N ASP A 44 -3.33 0.00 -4.44
CA ASP A 44 -3.32 1.44 -4.68
C ASP A 44 -1.91 2.01 -4.65
N LYS A 45 -0.90 1.18 -4.84
CA LYS A 45 0.50 1.58 -4.82
C LYS A 45 0.99 1.83 -6.24
N ASN A 46 1.63 2.97 -6.46
CA ASN A 46 2.19 3.30 -7.76
C ASN A 46 3.48 2.50 -7.96
N ILE A 47 3.57 1.79 -9.07
CA ILE A 47 4.73 0.98 -9.40
C ILE A 47 5.45 1.53 -10.63
N ILE A 48 4.72 1.79 -11.71
CA ILE A 48 5.29 2.31 -12.94
C ILE A 48 4.37 3.40 -13.47
N GLN A 49 4.94 4.55 -13.81
CA GLN A 49 4.17 5.64 -14.42
C GLN A 49 5.02 6.15 -15.58
N PHE A 50 4.78 5.59 -16.76
CA PHE A 50 5.56 5.86 -17.96
C PHE A 50 4.69 6.71 -18.87
N VAL A 51 4.93 8.02 -18.88
CA VAL A 51 4.11 8.97 -19.61
C VAL A 51 4.98 9.63 -20.67
N HIS A 52 4.73 9.28 -21.94
CA HIS A 52 5.36 9.90 -23.10
C HIS A 52 6.90 9.85 -23.03
N GLY A 53 7.43 8.65 -22.78
CA GLY A 53 8.85 8.40 -22.79
C GLY A 53 9.61 8.73 -21.52
N GLU A 54 8.94 9.15 -20.45
CA GLU A 54 9.60 9.48 -19.21
C GLU A 54 8.90 8.81 -18.04
N GLU A 55 9.67 8.57 -16.97
CA GLU A 55 9.16 7.98 -15.75
C GLU A 55 9.47 8.91 -14.58
N ASP A 56 8.64 8.84 -13.55
CA ASP A 56 8.78 9.68 -12.37
C ASP A 56 8.96 8.77 -11.16
N LEU A 57 10.18 8.72 -10.64
CA LEU A 57 10.48 7.86 -9.50
C LEU A 57 10.08 8.46 -8.17
N LYS A 58 9.63 9.72 -8.14
CA LYS A 58 9.21 10.32 -6.89
C LYS A 58 7.78 9.95 -6.53
N VAL A 59 6.92 9.75 -7.53
CA VAL A 59 5.54 9.33 -7.27
C VAL A 59 5.43 7.83 -7.04
N GLN A 60 6.48 7.08 -7.34
CA GLN A 60 6.47 5.64 -7.14
C GLN A 60 6.40 5.30 -5.65
N HIS A 61 5.70 4.22 -5.33
CA HIS A 61 5.56 3.77 -3.96
C HIS A 61 6.90 3.28 -3.40
N SER A 62 7.08 3.47 -2.10
CA SER A 62 8.34 3.12 -1.46
C SER A 62 8.59 1.61 -1.45
N SER A 63 7.52 0.81 -1.40
CA SER A 63 7.69 -0.64 -1.33
C SER A 63 8.24 -1.25 -2.61
N TYR A 64 8.24 -0.52 -3.72
CA TYR A 64 8.74 -1.05 -4.99
C TYR A 64 9.94 -0.29 -5.52
N ARG A 65 10.58 0.52 -4.68
CA ARG A 65 11.76 1.27 -5.10
C ARG A 65 12.96 0.34 -5.21
N GLN A 66 13.74 0.51 -6.28
CA GLN A 66 14.93 -0.27 -6.58
C GLN A 66 14.62 -1.74 -6.80
N ARG A 67 13.34 -2.10 -6.83
CA ARG A 67 12.90 -3.46 -7.09
C ARG A 67 12.10 -3.62 -8.38
N ALA A 68 11.62 -2.54 -8.99
CA ALA A 68 10.75 -2.63 -10.15
C ALA A 68 11.33 -1.86 -11.33
N ARG A 69 11.20 -2.46 -12.52
CA ARG A 69 11.68 -1.84 -13.75
C ARG A 69 10.78 -2.29 -14.89
N LEU A 70 10.59 -1.39 -15.85
CA LEU A 70 9.85 -1.70 -17.07
C LEU A 70 10.87 -2.05 -18.15
N LEU A 71 10.76 -3.24 -18.72
CA LEU A 71 11.72 -3.70 -19.73
C LEU A 71 11.45 -2.97 -21.03
N LYS A 72 12.30 -1.99 -21.35
CA LYS A 72 12.11 -1.18 -22.55
C LYS A 72 12.48 -1.94 -23.82
N ASP A 73 13.21 -3.04 -23.70
CA ASP A 73 13.64 -3.79 -24.88
C ASP A 73 12.48 -4.42 -25.63
N GLN A 74 11.30 -4.51 -25.01
CA GLN A 74 10.16 -5.14 -25.63
C GLN A 74 8.96 -4.22 -25.81
N LEU A 75 9.08 -2.93 -25.46
CA LEU A 75 8.02 -2.00 -25.79
C LEU A 75 7.85 -1.86 -27.30
N SER A 76 8.95 -1.95 -28.05
CA SER A 76 8.87 -1.91 -29.50
C SER A 76 8.22 -3.16 -30.07
N LEU A 77 8.24 -4.26 -29.33
CA LEU A 77 7.58 -5.50 -29.72
C LEU A 77 6.14 -5.56 -29.22
N GLY A 78 5.66 -4.50 -28.58
CA GLY A 78 4.32 -4.50 -28.02
C GLY A 78 4.20 -5.24 -26.72
N ASN A 79 5.27 -5.32 -25.94
CA ASN A 79 5.28 -6.02 -24.65
C ASN A 79 5.76 -5.06 -23.57
N ALA A 80 4.84 -4.67 -22.68
CA ALA A 80 5.18 -3.82 -21.54
C ALA A 80 5.31 -4.72 -20.31
N ALA A 81 6.44 -5.41 -20.23
CA ALA A 81 6.67 -6.37 -19.15
C ALA A 81 7.20 -5.67 -17.90
N LEU A 82 6.59 -5.98 -16.75
CA LEU A 82 7.04 -5.46 -15.47
C LEU A 82 7.81 -6.55 -14.73
N GLN A 83 9.04 -6.26 -14.35
CA GLN A 83 9.90 -7.20 -13.64
C GLN A 83 10.14 -6.69 -12.23
N ILE A 84 9.87 -7.54 -11.24
CA ILE A 84 10.10 -7.23 -9.84
C ILE A 84 11.06 -8.28 -9.27
N THR A 85 12.11 -7.82 -8.61
CA THR A 85 13.15 -8.69 -8.08
C THR A 85 12.97 -8.90 -6.59
N ASP A 86 13.45 -10.06 -6.11
CA ASP A 86 13.39 -10.45 -4.70
C ASP A 86 11.94 -10.37 -4.19
N VAL A 87 11.09 -11.21 -4.77
CA VAL A 87 9.67 -11.18 -4.43
C VAL A 87 9.48 -11.55 -2.97
N LYS A 88 8.69 -10.74 -2.27
CA LYS A 88 8.35 -10.96 -0.89
C LYS A 88 6.85 -11.23 -0.77
N LEU A 89 6.42 -11.58 0.43
CA LEU A 89 5.02 -11.90 0.67
C LEU A 89 4.10 -10.72 0.42
N GLN A 90 4.59 -9.49 0.63
CA GLN A 90 3.76 -8.32 0.41
C GLN A 90 3.49 -8.06 -1.07
N ASP A 91 4.22 -8.69 -1.97
CA ASP A 91 4.01 -8.54 -3.40
C ASP A 91 2.84 -9.34 -3.93
N ALA A 92 2.18 -10.13 -3.08
CA ALA A 92 1.04 -10.92 -3.52
C ALA A 92 -0.22 -10.07 -3.60
N GLY A 93 -1.00 -10.27 -4.65
CA GLY A 93 -2.20 -9.50 -4.84
C GLY A 93 -2.63 -9.52 -6.29
N VAL A 94 -3.49 -8.57 -6.64
CA VAL A 94 -4.03 -8.43 -7.98
C VAL A 94 -3.40 -7.18 -8.61
N TYR A 95 -2.66 -7.40 -9.70
CA TYR A 95 -2.00 -6.31 -10.42
C TYR A 95 -2.83 -5.91 -11.62
N ARG A 96 -2.76 -4.62 -11.96
CA ARG A 96 -3.51 -4.06 -13.08
C ARG A 96 -2.56 -3.41 -14.07
N CYS A 97 -2.70 -3.76 -15.35
CA CYS A 97 -1.89 -3.24 -16.43
C CYS A 97 -2.77 -2.34 -17.29
N MET A 98 -2.59 -1.03 -17.16
CA MET A 98 -3.39 -0.04 -17.87
C MET A 98 -2.52 0.65 -18.90
N ILE A 99 -2.90 0.56 -20.17
CA ILE A 99 -2.11 1.09 -21.28
C ILE A 99 -2.98 1.99 -22.14
N SER A 100 -2.41 3.10 -22.61
CA SER A 100 -3.08 4.04 -23.49
C SER A 100 -2.21 4.27 -24.72
N TYR A 101 -2.58 3.67 -25.84
CA TYR A 101 -1.84 3.83 -27.11
C TYR A 101 -2.85 3.71 -28.25
N GLY A 102 -3.25 4.86 -28.79
CA GLY A 102 -4.31 4.86 -29.81
C GLY A 102 -5.56 4.13 -29.36
N GLY A 103 -5.96 4.34 -28.11
CA GLY A 103 -7.06 3.59 -27.51
C GLY A 103 -6.75 3.28 -26.07
N ALA A 104 -7.64 2.58 -25.37
CA ALA A 104 -7.44 2.31 -23.96
C ALA A 104 -8.01 0.95 -23.59
N ASP A 105 -7.30 0.25 -22.71
CA ASP A 105 -7.74 -1.03 -22.18
C ASP A 105 -6.89 -1.35 -20.96
N TYR A 106 -7.33 -2.34 -20.19
CA TYR A 106 -6.58 -2.78 -19.02
C TYR A 106 -6.92 -4.23 -18.73
N LYS A 107 -6.04 -4.89 -17.98
CA LYS A 107 -6.21 -6.30 -17.63
C LYS A 107 -5.72 -6.53 -16.20
N ARG A 108 -6.12 -7.68 -15.65
CA ARG A 108 -5.79 -8.06 -14.29
C ARG A 108 -4.88 -9.27 -14.29
N ILE A 109 -3.97 -9.32 -13.32
CA ILE A 109 -3.08 -10.46 -13.11
C ILE A 109 -3.03 -10.74 -11.61
N THR A 110 -3.25 -12.00 -11.24
CA THR A 110 -3.20 -12.41 -9.84
C THR A 110 -1.86 -13.07 -9.56
N VAL A 111 -1.19 -12.63 -8.50
CA VAL A 111 0.12 -13.13 -8.13
C VAL A 111 0.01 -13.78 -6.75
N LYS A 112 0.48 -15.02 -6.64
CA LYS A 112 0.50 -15.76 -5.39
C LYS A 112 1.95 -16.07 -5.04
N VAL A 113 2.33 -15.77 -3.79
CA VAL A 113 3.69 -15.95 -3.31
C VAL A 113 3.69 -17.12 -2.34
N ASN A 114 4.52 -18.12 -2.59
CA ASN A 114 4.60 -19.26 -1.70
C ASN A 114 5.40 -18.91 -0.46
N ALA A 115 5.08 -19.57 0.65
CA ALA A 115 5.80 -19.28 1.88
C ALA A 115 7.19 -19.93 1.85
N PRO A 116 8.19 -19.27 2.47
CA PRO A 116 9.56 -19.80 2.51
C PRO A 116 9.71 -21.02 3.41
N ALA B 1 3.12 -29.17 18.97
CA ALA B 1 2.63 -27.81 18.91
C ALA B 1 1.38 -27.72 18.04
N PHE B 2 0.45 -26.84 18.43
CA PHE B 2 -0.77 -26.64 17.67
C PHE B 2 -0.44 -26.13 16.26
N THR B 3 -1.06 -26.74 15.25
CA THR B 3 -0.81 -26.39 13.86
C THR B 3 -2.13 -26.36 13.10
N VAL B 4 -2.28 -25.33 12.27
CA VAL B 4 -3.43 -25.19 11.38
C VAL B 4 -2.97 -25.58 9.98
N THR B 5 -3.70 -26.49 9.33
CA THR B 5 -3.34 -26.98 8.03
C THR B 5 -4.43 -26.66 7.01
N VAL B 6 -4.01 -26.43 5.77
CA VAL B 6 -4.92 -26.13 4.68
C VAL B 6 -4.64 -27.10 3.54
N PRO B 7 -5.63 -27.87 3.06
CA PRO B 7 -5.37 -28.77 1.94
C PRO B 7 -5.11 -28.04 0.63
N LYS B 8 -5.60 -26.82 0.49
CA LYS B 8 -5.35 -26.00 -0.69
C LYS B 8 -5.05 -24.58 -0.23
N ASP B 9 -4.01 -23.98 -0.82
CA ASP B 9 -3.67 -22.59 -0.54
C ASP B 9 -3.95 -21.68 -1.73
N LEU B 10 -4.57 -22.21 -2.77
CA LEU B 10 -4.96 -21.42 -3.93
C LEU B 10 -6.27 -21.96 -4.47
N TYR B 11 -7.29 -21.10 -4.57
CA TYR B 11 -8.58 -21.48 -5.11
C TYR B 11 -8.86 -20.66 -6.37
N VAL B 12 -9.28 -21.35 -7.43
CA VAL B 12 -9.68 -20.71 -8.69
C VAL B 12 -11.17 -20.97 -8.87
N VAL B 13 -11.96 -19.91 -8.85
CA VAL B 13 -13.42 -20.02 -8.88
C VAL B 13 -13.94 -19.24 -10.08
N GLU B 14 -15.11 -19.65 -10.55
CA GLU B 14 -15.77 -18.96 -11.65
C GLU B 14 -16.67 -17.85 -11.09
N TYR B 15 -16.97 -16.89 -11.95
CA TYR B 15 -17.80 -15.77 -11.52
C TYR B 15 -19.22 -16.26 -11.25
N GLY B 16 -19.76 -15.89 -10.09
CA GLY B 16 -21.12 -16.24 -9.73
C GLY B 16 -21.30 -17.62 -9.13
N SER B 17 -20.25 -18.42 -9.04
CA SER B 17 -20.37 -19.76 -8.48
C SER B 17 -20.16 -19.71 -6.96
N ASN B 18 -20.29 -20.86 -6.32
CA ASN B 18 -20.09 -20.97 -4.88
C ASN B 18 -18.66 -21.39 -4.56
N MET B 19 -18.22 -21.02 -3.36
CA MET B 19 -16.85 -21.26 -2.91
C MET B 19 -16.86 -21.68 -1.45
N THR B 20 -16.11 -22.74 -1.14
CA THR B 20 -15.97 -23.21 0.24
C THR B 20 -14.49 -23.48 0.49
N ILE B 21 -13.86 -22.60 1.26
CA ILE B 21 -12.44 -22.72 1.59
C ILE B 21 -12.30 -23.43 2.93
N GLU B 22 -11.45 -24.45 2.96
CA GLU B 22 -11.30 -25.33 4.11
C GLU B 22 -10.07 -24.95 4.94
N CYS B 23 -10.17 -25.24 6.25
CA CYS B 23 -9.12 -24.92 7.20
C CYS B 23 -9.25 -25.88 8.38
N LYS B 24 -8.23 -26.70 8.61
CA LYS B 24 -8.32 -27.80 9.56
C LYS B 24 -7.44 -27.57 10.79
N PHE B 25 -7.89 -28.09 11.92
CA PHE B 25 -7.19 -28.04 13.19
C PHE B 25 -7.51 -29.31 13.97
N PRO B 26 -6.58 -29.80 14.80
CA PRO B 26 -6.79 -31.08 15.48
C PRO B 26 -7.84 -31.00 16.59
N VAL B 27 -8.67 -32.04 16.66
CA VAL B 27 -9.73 -32.16 17.66
C VAL B 27 -9.61 -33.54 18.28
N GLU B 28 -9.67 -33.60 19.61
CA GLU B 28 -9.47 -34.85 20.35
C GLU B 28 -10.78 -35.35 20.95
N LYS B 29 -11.45 -36.27 20.23
CA LYS B 29 -12.59 -37.05 20.70
C LYS B 29 -13.86 -36.22 20.92
N GLN B 30 -13.72 -34.90 20.97
CA GLN B 30 -14.85 -34.02 21.18
C GLN B 30 -14.40 -32.59 20.97
N LEU B 31 -15.35 -31.71 20.69
CA LEU B 31 -15.06 -30.29 20.52
C LEU B 31 -15.65 -29.54 21.71
N ASP B 32 -14.80 -28.80 22.42
CA ASP B 32 -15.23 -27.99 23.55
C ASP B 32 -15.46 -26.59 23.01
N LEU B 33 -16.73 -26.25 22.78
CA LEU B 33 -17.06 -24.98 22.15
C LEU B 33 -16.62 -23.79 22.98
N ALA B 34 -16.50 -23.97 24.29
CA ALA B 34 -16.13 -22.86 25.16
C ALA B 34 -14.65 -22.47 25.05
N ALA B 35 -13.83 -23.30 24.41
CA ALA B 35 -12.41 -23.03 24.27
C ALA B 35 -11.98 -22.72 22.83
N LEU B 36 -12.91 -22.72 21.88
CA LEU B 36 -12.59 -22.54 20.48
C LEU B 36 -12.89 -21.12 20.03
N ILE B 37 -11.94 -20.52 19.32
CA ILE B 37 -12.11 -19.21 18.71
C ILE B 37 -11.69 -19.32 17.25
N VAL B 38 -12.60 -19.00 16.33
CA VAL B 38 -12.33 -19.06 14.90
C VAL B 38 -12.60 -17.67 14.32
N TYR B 39 -11.68 -17.20 13.49
CA TYR B 39 -11.76 -15.87 12.91
C TYR B 39 -11.34 -15.91 11.45
N TRP B 40 -12.20 -15.42 10.57
CA TRP B 40 -11.90 -15.30 9.14
C TRP B 40 -11.89 -13.83 8.76
N GLU B 41 -10.95 -13.46 7.89
CA GLU B 41 -10.84 -12.06 7.47
C GLU B 41 -10.17 -11.99 6.11
N MET B 42 -10.34 -10.84 5.47
CA MET B 42 -9.65 -10.54 4.22
C MET B 42 -9.52 -9.03 4.10
N GLU B 43 -8.33 -8.55 3.76
CA GLU B 43 -8.02 -7.12 3.64
C GLU B 43 -8.63 -6.27 4.76
N ASP B 44 -8.51 -6.78 5.98
CA ASP B 44 -8.97 -6.10 7.21
C ASP B 44 -10.49 -6.02 7.30
N LYS B 45 -11.20 -6.86 6.54
CA LYS B 45 -12.65 -6.92 6.61
C LYS B 45 -13.05 -8.09 7.49
N ASN B 46 -13.93 -7.83 8.46
CA ASN B 46 -14.39 -8.89 9.34
C ASN B 46 -15.42 -9.73 8.59
N ILE B 47 -15.19 -11.04 8.55
CA ILE B 47 -16.08 -11.98 7.89
C ILE B 47 -16.74 -12.93 8.89
N ILE B 48 -15.94 -13.55 9.74
CA ILE B 48 -16.42 -14.49 10.75
C ILE B 48 -15.72 -14.19 12.06
N GLN B 49 -16.48 -14.08 13.14
CA GLN B 49 -15.95 -13.86 14.49
C GLN B 49 -16.69 -14.82 15.41
N PHE B 50 -16.13 -16.01 15.57
CA PHE B 50 -16.73 -17.10 16.33
C PHE B 50 -15.95 -17.24 17.63
N VAL B 51 -16.47 -16.68 18.71
CA VAL B 51 -15.80 -16.65 20.00
C VAL B 51 -16.62 -17.47 20.99
N HIS B 52 -16.12 -18.65 21.33
CA HIS B 52 -16.72 -19.51 22.36
C HIS B 52 -18.20 -19.78 22.09
N GLY B 53 -18.50 -20.20 20.86
CA GLY B 53 -19.85 -20.57 20.53
C GLY B 53 -20.76 -19.42 20.15
N GLU B 54 -20.23 -18.22 19.95
CA GLU B 54 -21.05 -17.06 19.64
C GLU B 54 -20.54 -16.37 18.38
N GLU B 55 -21.47 -15.75 17.66
CA GLU B 55 -21.13 -14.93 16.50
C GLU B 55 -21.75 -13.56 16.69
N ASP B 56 -21.10 -12.55 16.14
CA ASP B 56 -21.58 -11.17 16.21
C ASP B 56 -21.71 -10.64 14.79
N LEU B 57 -22.94 -10.51 14.32
CA LEU B 57 -23.20 -10.04 12.96
C LEU B 57 -23.13 -8.52 12.86
N LYS B 58 -22.98 -7.82 13.98
CA LYS B 58 -22.85 -6.37 13.96
C LYS B 58 -21.44 -5.93 13.59
N VAL B 59 -20.44 -6.71 14.00
CA VAL B 59 -19.04 -6.41 13.65
C VAL B 59 -18.67 -6.92 12.26
N GLN B 60 -19.52 -7.75 11.66
CA GLN B 60 -19.25 -8.27 10.33
C GLN B 60 -19.25 -7.15 9.30
N HIS B 61 -18.37 -7.29 8.29
CA HIS B 61 -18.28 -6.30 7.23
C HIS B 61 -19.54 -6.32 6.37
N SER B 62 -19.92 -5.14 5.87
CA SER B 62 -21.15 -5.03 5.09
C SER B 62 -21.06 -5.79 3.77
N SER B 63 -19.86 -5.86 3.18
CA SER B 63 -19.73 -6.54 1.89
C SER B 63 -19.92 -8.04 1.99
N TYR B 64 -19.92 -8.60 3.20
CA TYR B 64 -20.09 -10.04 3.39
C TYR B 64 -21.35 -10.38 4.18
N ARG B 65 -22.26 -9.43 4.32
CA ARG B 65 -23.50 -9.73 5.04
C ARG B 65 -24.39 -10.60 4.18
N GLN B 66 -24.95 -11.64 4.80
CA GLN B 66 -25.83 -12.61 4.15
C GLN B 66 -25.15 -13.36 3.02
N ARG B 67 -23.83 -13.23 2.86
CA ARG B 67 -23.10 -14.01 1.88
C ARG B 67 -22.10 -15.00 2.48
N ALA B 68 -21.71 -14.84 3.75
CA ALA B 68 -20.70 -15.69 4.35
C ALA B 68 -21.18 -16.27 5.67
N ARG B 69 -20.91 -17.56 5.87
CA ARG B 69 -21.26 -18.26 7.09
C ARG B 69 -20.31 -19.43 7.28
N LEU B 70 -20.10 -19.80 8.55
CA LEU B 70 -19.21 -20.90 8.91
C LEU B 70 -20.01 -22.19 9.07
N LEU B 71 -19.58 -23.23 8.33
CA LEU B 71 -20.27 -24.52 8.33
C LEU B 71 -19.99 -25.24 9.64
N LYS B 72 -20.98 -25.24 10.53
CA LYS B 72 -20.85 -25.84 11.85
C LYS B 72 -20.93 -27.36 11.84
N ASP B 73 -21.43 -27.96 10.76
CA ASP B 73 -21.62 -29.42 10.75
C ASP B 73 -20.32 -30.21 10.83
N GLN B 74 -19.18 -29.59 10.52
CA GLN B 74 -17.91 -30.31 10.57
C GLN B 74 -16.90 -29.67 11.51
N LEU B 75 -17.29 -28.65 12.28
CA LEU B 75 -16.40 -28.13 13.32
C LEU B 75 -16.03 -29.23 14.31
N SER B 76 -16.93 -30.18 14.56
CA SER B 76 -16.63 -31.30 15.42
C SER B 76 -15.59 -32.24 14.81
N LEU B 77 -15.45 -32.21 13.49
CA LEU B 77 -14.44 -32.99 12.78
C LEU B 77 -13.11 -32.25 12.64
N GLY B 78 -13.00 -31.04 13.20
CA GLY B 78 -11.79 -30.26 13.08
C GLY B 78 -11.65 -29.54 11.76
N ASN B 79 -12.77 -29.20 11.12
CA ASN B 79 -12.77 -28.50 9.83
C ASN B 79 -13.59 -27.23 9.97
N ALA B 80 -12.93 -26.07 9.92
CA ALA B 80 -13.59 -24.77 9.97
C ALA B 80 -13.69 -24.21 8.55
N ALA B 81 -14.66 -24.74 7.80
CA ALA B 81 -14.82 -24.35 6.40
C ALA B 81 -15.64 -23.08 6.28
N LEU B 82 -15.14 -22.14 5.49
CA LEU B 82 -15.84 -20.88 5.22
C LEU B 82 -16.50 -20.97 3.85
N GLN B 83 -17.81 -20.73 3.81
CA GLN B 83 -18.59 -20.78 2.57
C GLN B 83 -19.07 -19.38 2.23
N ILE B 84 -18.77 -18.94 1.01
CA ILE B 84 -19.22 -17.65 0.49
C ILE B 84 -19.97 -17.90 -0.81
N THR B 85 -21.19 -17.36 -0.92
CA THR B 85 -22.04 -17.57 -2.08
C THR B 85 -22.04 -16.34 -2.98
N ASP B 86 -22.30 -16.58 -4.26
CA ASP B 86 -22.35 -15.53 -5.30
C ASP B 86 -21.06 -14.71 -5.30
N VAL B 87 -19.96 -15.38 -5.63
CA VAL B 87 -18.65 -14.74 -5.60
C VAL B 87 -18.61 -13.60 -6.61
N LYS B 88 -18.13 -12.45 -6.16
CA LYS B 88 -17.96 -11.27 -6.98
C LYS B 88 -16.47 -10.96 -7.13
N LEU B 89 -16.16 -9.95 -7.95
CA LEU B 89 -14.77 -9.61 -8.20
C LEU B 89 -14.05 -9.13 -6.94
N GLN B 90 -14.76 -8.46 -6.02
CA GLN B 90 -14.08 -7.99 -4.82
C GLN B 90 -13.70 -9.11 -3.86
N ASP B 91 -14.20 -10.33 -4.08
CA ASP B 91 -13.86 -11.44 -3.21
C ASP B 91 -12.46 -12.00 -3.47
N ALA B 92 -11.76 -11.48 -4.47
CA ALA B 92 -10.40 -11.94 -4.76
C ALA B 92 -9.41 -11.28 -3.81
N GLY B 93 -8.46 -12.08 -3.33
CA GLY B 93 -7.47 -11.57 -2.40
C GLY B 93 -6.85 -12.71 -1.60
N VAL B 94 -6.22 -12.34 -0.50
CA VAL B 94 -5.56 -13.29 0.39
C VAL B 94 -6.39 -13.39 1.66
N TYR B 95 -6.90 -14.59 1.94
CA TYR B 95 -7.71 -14.85 3.11
C TYR B 95 -6.85 -15.46 4.22
N ARG B 96 -7.19 -15.16 5.46
CA ARG B 96 -6.47 -15.64 6.63
C ARG B 96 -7.40 -16.40 7.54
N CYS B 97 -7.00 -17.61 7.92
CA CYS B 97 -7.76 -18.48 8.82
C CYS B 97 -6.99 -18.58 10.13
N MET B 98 -7.46 -17.86 11.15
CA MET B 98 -6.80 -17.82 12.45
C MET B 98 -7.68 -18.51 13.48
N ILE B 99 -7.14 -19.55 14.11
CA ILE B 99 -7.89 -20.40 15.02
C ILE B 99 -7.15 -20.47 16.36
N SER B 100 -7.92 -20.45 17.46
CA SER B 100 -7.36 -20.55 18.80
C SER B 100 -8.09 -21.68 19.54
N TYR B 101 -7.41 -22.82 19.67
CA TYR B 101 -7.95 -23.98 20.36
C TYR B 101 -6.78 -24.72 20.99
N GLY B 102 -6.59 -24.52 22.30
CA GLY B 102 -5.41 -25.07 22.97
C GLY B 102 -4.12 -24.71 22.26
N GLY B 103 -3.98 -23.46 21.84
CA GLY B 103 -2.86 -23.04 21.03
C GLY B 103 -3.30 -22.04 19.98
N ALA B 104 -2.38 -21.60 19.13
CA ALA B 104 -2.70 -20.58 18.14
C ALA B 104 -1.91 -20.82 16.87
N ASP B 105 -2.56 -20.60 15.74
CA ASP B 105 -1.93 -20.73 14.43
C ASP B 105 -2.84 -20.05 13.40
N TYR B 106 -2.29 -19.82 12.21
CA TYR B 106 -3.04 -19.23 11.13
C TYR B 106 -2.41 -19.64 9.80
N LYS B 107 -3.19 -19.51 8.73
CA LYS B 107 -2.74 -19.86 7.39
C LYS B 107 -3.33 -18.88 6.38
N ARG B 108 -2.75 -18.87 5.18
CA ARG B 108 -3.16 -17.99 4.11
C ARG B 108 -3.74 -18.80 2.95
N ILE B 109 -4.74 -18.22 2.30
CA ILE B 109 -5.36 -18.82 1.11
C ILE B 109 -5.56 -17.71 0.09
N THR B 110 -5.11 -17.95 -1.14
CA THR B 110 -5.25 -16.98 -2.23
C THR B 110 -6.43 -17.40 -3.10
N VAL B 111 -7.32 -16.44 -3.38
CA VAL B 111 -8.51 -16.68 -4.18
C VAL B 111 -8.44 -15.83 -5.43
N LYS B 112 -8.60 -16.46 -6.59
CA LYS B 112 -8.60 -15.77 -7.88
C LYS B 112 -9.97 -15.94 -8.51
N VAL B 113 -10.55 -14.84 -8.96
CA VAL B 113 -11.89 -14.79 -9.53
C VAL B 113 -11.77 -14.60 -11.03
N ASN B 114 -12.37 -15.51 -11.80
CA ASN B 114 -12.33 -15.42 -13.25
C ASN B 114 -13.31 -14.37 -13.74
N ALA B 115 -12.98 -13.74 -14.85
CA ALA B 115 -13.87 -12.73 -15.40
C ALA B 115 -15.06 -13.38 -16.10
N PRO B 116 -16.24 -12.76 -16.04
CA PRO B 116 -17.44 -13.30 -16.69
C PRO B 116 -17.37 -13.21 -18.21
N ALA C 1 -15.48 -6.96 23.82
CA ALA C 1 -14.62 -7.87 23.07
C ALA C 1 -13.15 -7.59 23.37
N PHE C 2 -12.35 -8.66 23.41
CA PHE C 2 -10.92 -8.54 23.64
C PHE C 2 -10.28 -7.71 22.53
N THR C 3 -9.44 -6.76 22.91
CA THR C 3 -8.82 -5.85 21.96
C THR C 3 -7.36 -5.60 22.31
N VAL C 4 -6.50 -5.61 21.28
CA VAL C 4 -5.09 -5.29 21.41
C VAL C 4 -4.88 -3.89 20.85
N THR C 5 -4.22 -3.03 21.61
CA THR C 5 -4.00 -1.64 21.22
C THR C 5 -2.51 -1.35 21.15
N VAL C 6 -2.16 -0.44 20.23
CA VAL C 6 -0.78 0.00 20.05
C VAL C 6 -0.75 1.53 20.11
N PRO C 7 0.06 2.12 20.99
CA PRO C 7 0.12 3.60 21.03
C PRO C 7 0.75 4.21 19.80
N LYS C 8 1.61 3.48 19.10
CA LYS C 8 2.21 3.92 17.86
C LYS C 8 2.20 2.78 16.86
N ASP C 9 1.82 3.07 15.63
CA ASP C 9 1.82 2.10 14.55
C ASP C 9 2.90 2.38 13.51
N LEU C 10 3.76 3.36 13.77
CA LEU C 10 4.87 3.68 12.87
C LEU C 10 6.06 4.12 13.70
N TYR C 11 7.19 3.43 13.54
CA TYR C 11 8.44 3.76 14.22
C TYR C 11 9.49 4.10 13.19
N VAL C 12 10.18 5.21 13.38
CA VAL C 12 11.30 5.62 12.55
C VAL C 12 12.54 5.62 13.43
N VAL C 13 13.48 4.72 13.13
CA VAL C 13 14.65 4.52 13.97
C VAL C 13 15.92 4.73 13.15
N GLU C 14 17.00 5.09 13.85
CA GLU C 14 18.31 5.25 13.25
C GLU C 14 19.08 3.94 13.24
N TYR C 15 20.07 3.87 12.36
CA TYR C 15 20.89 2.67 12.21
C TYR C 15 21.74 2.46 13.44
N GLY C 16 21.75 1.22 13.96
CA GLY C 16 22.59 0.86 15.08
C GLY C 16 22.04 1.17 16.45
N SER C 17 20.88 1.81 16.54
CA SER C 17 20.31 2.15 17.83
C SER C 17 19.44 1.00 18.35
N ASN C 18 18.91 1.16 19.55
CA ASN C 18 18.02 0.16 20.14
C ASN C 18 16.57 0.53 19.88
N MET C 19 15.71 -0.48 19.87
CA MET C 19 14.31 -0.31 19.51
C MET C 19 13.44 -1.14 20.43
N THR C 20 12.37 -0.53 20.95
CA THR C 20 11.41 -1.21 21.82
C THR C 20 10.01 -0.85 21.34
N ILE C 21 9.35 -1.82 20.71
CA ILE C 21 8.00 -1.65 20.16
C ILE C 21 7.00 -2.15 21.21
N GLU C 22 5.99 -1.33 21.50
CA GLU C 22 5.01 -1.62 22.53
C GLU C 22 3.71 -2.15 21.95
N CYS C 23 3.05 -3.01 22.74
CA CYS C 23 1.80 -3.64 22.34
C CYS C 23 1.06 -4.04 23.62
N LYS C 24 -0.12 -3.47 23.84
CA LYS C 24 -0.82 -3.58 25.10
C LYS C 24 -2.11 -4.40 24.97
N PHE C 25 -2.46 -5.09 26.06
CA PHE C 25 -3.69 -5.88 26.15
C PHE C 25 -4.16 -5.83 27.59
N PRO C 26 -5.47 -5.90 27.82
CA PRO C 26 -5.99 -5.73 29.20
C PRO C 26 -5.72 -6.93 30.08
N VAL C 27 -5.34 -6.65 31.33
CA VAL C 27 -5.07 -7.66 32.36
C VAL C 27 -5.83 -7.26 33.62
N GLU C 28 -6.52 -8.22 34.22
CA GLU C 28 -7.38 -7.96 35.39
C GLU C 28 -6.75 -8.54 36.65
N LYS C 29 -6.04 -7.69 37.39
CA LYS C 29 -5.54 -7.94 38.74
C LYS C 29 -4.41 -8.97 38.82
N GLN C 30 -4.21 -9.74 37.76
CA GLN C 30 -3.18 -10.78 37.75
C GLN C 30 -3.04 -11.33 36.34
N LEU C 31 -1.87 -11.91 36.08
CA LEU C 31 -1.58 -12.53 34.80
C LEU C 31 -1.50 -14.04 34.98
N ASP C 32 -2.32 -14.77 34.22
CA ASP C 32 -2.31 -16.24 34.26
C ASP C 32 -1.39 -16.70 33.14
N LEU C 33 -0.16 -17.05 33.48
CA LEU C 33 0.83 -17.41 32.47
C LEU C 33 0.44 -18.65 31.68
N ALA C 34 -0.36 -19.53 32.28
CA ALA C 34 -0.75 -20.76 31.60
C ALA C 34 -1.80 -20.53 30.51
N ALA C 35 -2.44 -19.36 30.48
CA ALA C 35 -3.46 -19.05 29.49
C ALA C 35 -3.01 -17.97 28.50
N LEU C 36 -1.79 -17.49 28.60
CA LEU C 36 -1.29 -16.39 27.78
C LEU C 36 -0.45 -16.92 26.63
N ILE C 37 -0.72 -16.41 25.42
CA ILE C 37 0.07 -16.73 24.24
C ILE C 37 0.45 -15.41 23.56
N VAL C 38 1.75 -15.18 23.39
CA VAL C 38 2.27 -13.98 22.76
C VAL C 38 3.13 -14.41 21.57
N TYR C 39 2.91 -13.78 20.43
CA TYR C 39 3.61 -14.15 19.20
C TYR C 39 3.97 -12.91 18.41
N TRP C 40 5.24 -12.76 18.07
CA TRP C 40 5.74 -11.68 17.23
C TRP C 40 6.31 -12.25 15.95
N GLU C 41 6.07 -11.57 14.83
CA GLU C 41 6.58 -12.06 13.55
C GLU C 41 6.69 -10.90 12.57
N MET C 42 7.50 -11.13 11.53
CA MET C 42 7.64 -10.21 10.41
C MET C 42 8.07 -11.03 9.21
N GLU C 43 7.44 -10.78 8.05
CA GLU C 43 7.69 -11.54 6.84
C GLU C 43 7.81 -13.05 7.09
N ASP C 44 6.97 -13.59 7.97
CA ASP C 44 6.93 -15.01 8.30
C ASP C 44 8.16 -15.48 9.07
N LYS C 45 8.88 -14.55 9.69
CA LYS C 45 10.03 -14.89 10.50
C LYS C 45 9.60 -14.93 11.96
N ASN C 46 9.93 -16.02 12.64
CA ASN C 46 9.59 -16.14 14.05
C ASN C 46 10.55 -15.27 14.87
N ILE C 47 9.97 -14.41 15.70
CA ILE C 47 10.73 -13.54 16.58
C ILE C 47 10.49 -13.90 18.04
N ILE C 48 9.22 -14.01 18.44
CA ILE C 48 8.84 -14.37 19.79
C ILE C 48 7.70 -15.38 19.71
N GLN C 49 7.84 -16.49 20.43
CA GLN C 49 6.79 -17.51 20.51
C GLN C 49 6.67 -17.87 21.99
N PHE C 50 5.81 -17.17 22.69
CA PHE C 50 5.64 -17.30 24.14
C PHE C 50 4.30 -18.01 24.36
N VAL C 51 4.36 -19.32 24.60
CA VAL C 51 3.17 -20.15 24.73
C VAL C 51 3.13 -20.68 26.16
N HIS C 52 2.20 -20.18 26.94
CA HIS C 52 1.95 -20.64 28.31
C HIS C 52 3.23 -20.60 29.14
N GLY C 53 3.92 -19.44 29.09
CA GLY C 53 5.08 -19.25 29.91
C GLY C 53 6.37 -19.84 29.38
N GLU C 54 6.38 -20.35 28.15
CA GLU C 54 7.56 -21.01 27.62
C GLU C 54 7.95 -20.43 26.27
N GLU C 55 9.26 -20.46 26.00
CA GLU C 55 9.83 -20.04 24.73
C GLU C 55 10.73 -21.14 24.18
N ASP C 56 10.86 -21.18 22.87
CA ASP C 56 11.69 -22.16 22.18
C ASP C 56 12.70 -21.39 21.33
N LEU C 57 13.96 -21.40 21.75
CA LEU C 57 14.98 -20.67 21.02
C LEU C 57 15.44 -21.42 19.76
N LYS C 58 14.98 -22.65 19.57
CA LYS C 58 15.33 -23.40 18.37
C LYS C 58 14.44 -23.03 17.19
N VAL C 59 13.16 -22.72 17.44
CA VAL C 59 12.26 -22.33 16.37
C VAL C 59 12.40 -20.88 15.97
N GLN C 60 13.09 -20.06 16.78
CA GLN C 60 13.28 -18.66 16.45
C GLN C 60 14.14 -18.52 15.21
N HIS C 61 13.86 -17.48 14.43
CA HIS C 61 14.64 -17.23 13.22
C HIS C 61 16.07 -16.85 13.57
N SER C 62 17.01 -17.29 12.72
CA SER C 62 18.42 -17.05 13.02
C SER C 62 18.78 -15.57 12.97
N SER C 63 18.12 -14.80 12.10
CA SER C 63 18.43 -13.38 11.98
C SER C 63 18.00 -12.59 13.21
N TYR C 64 17.19 -13.18 14.09
CA TYR C 64 16.70 -12.51 15.28
C TYR C 64 17.16 -13.22 16.55
N ARG C 65 18.16 -14.09 16.43
CA ARG C 65 18.67 -14.80 17.59
C ARG C 65 19.51 -13.87 18.45
N GLN C 66 19.28 -13.92 19.76
CA GLN C 66 20.02 -13.17 20.77
C GLN C 66 19.91 -11.65 20.60
N ARG C 67 19.05 -11.17 19.70
CA ARG C 67 18.84 -9.74 19.53
C ARG C 67 17.45 -9.29 19.95
N ALA C 68 16.50 -10.21 20.05
CA ALA C 68 15.12 -9.88 20.40
C ALA C 68 14.69 -10.75 21.56
N ARG C 69 14.01 -10.13 22.52
CA ARG C 69 13.50 -10.85 23.68
C ARG C 69 12.25 -10.13 24.18
N LEU C 70 11.37 -10.89 24.83
CA LEU C 70 10.13 -10.35 25.35
C LEU C 70 10.35 -9.88 26.79
N LEU C 71 10.02 -8.61 27.04
CA LEU C 71 10.22 -8.01 28.36
C LEU C 71 9.18 -8.58 29.30
N LYS C 72 9.60 -9.52 30.16
CA LYS C 72 8.68 -10.17 31.07
C LYS C 72 8.31 -9.30 32.27
N ASP C 73 9.11 -8.27 32.57
CA ASP C 73 8.86 -7.43 33.73
C ASP C 73 7.61 -6.59 33.58
N GLN C 74 7.06 -6.46 32.36
CA GLN C 74 5.87 -5.64 32.13
C GLN C 74 4.70 -6.44 31.59
N LEU C 75 4.82 -7.77 31.48
CA LEU C 75 3.67 -8.59 31.11
C LEU C 75 2.55 -8.48 32.14
N SER C 76 2.89 -8.33 33.42
CA SER C 76 1.87 -8.17 34.45
C SER C 76 1.11 -6.86 34.32
N LEU C 77 1.70 -5.87 33.63
CA LEU C 77 1.04 -4.60 33.37
C LEU C 77 0.25 -4.64 32.07
N GLY C 78 0.19 -5.79 31.41
CA GLY C 78 -0.52 -5.90 30.15
C GLY C 78 0.23 -5.35 28.97
N ASN C 79 1.57 -5.35 29.01
CA ASN C 79 2.41 -4.81 27.95
C ASN C 79 3.37 -5.89 27.49
N ALA C 80 3.18 -6.37 26.26
CA ALA C 80 4.08 -7.35 25.64
C ALA C 80 5.02 -6.61 24.71
N ALA C 81 6.04 -5.99 25.31
CA ALA C 81 6.98 -5.17 24.56
C ALA C 81 8.08 -6.04 23.96
N LEU C 82 8.35 -5.83 22.67
CA LEU C 82 9.43 -6.50 21.97
C LEU C 82 10.61 -5.55 21.86
N GLN C 83 11.77 -5.98 22.34
CA GLN C 83 12.98 -5.18 22.31
C GLN C 83 13.96 -5.81 21.33
N ILE C 84 14.42 -5.02 20.37
CA ILE C 84 15.41 -5.45 19.38
C ILE C 84 16.60 -4.52 19.46
N THR C 85 17.79 -5.10 19.61
CA THR C 85 19.03 -4.32 19.74
C THR C 85 19.81 -4.32 18.43
N ASP C 86 20.60 -3.27 18.25
CA ASP C 86 21.45 -3.10 17.06
C ASP C 86 20.62 -3.19 15.79
N VAL C 87 19.71 -2.23 15.64
CA VAL C 87 18.80 -2.22 14.49
C VAL C 87 19.58 -2.03 13.20
N LYS C 88 19.28 -2.86 12.21
CA LYS C 88 19.89 -2.80 10.89
C LYS C 88 18.82 -2.43 9.85
N LEU C 89 19.28 -2.21 8.62
CA LEU C 89 18.36 -1.83 7.54
C LEU C 89 17.36 -2.92 7.24
N GLN C 90 17.74 -4.18 7.39
CA GLN C 90 16.83 -5.28 7.09
C GLN C 90 15.71 -5.42 8.12
N ASP C 91 15.80 -4.71 9.25
CA ASP C 91 14.76 -4.78 10.27
C ASP C 91 13.51 -3.99 9.89
N ALA C 92 13.51 -3.32 8.74
CA ALA C 92 12.35 -2.58 8.29
C ALA C 92 11.32 -3.51 7.69
N GLY C 93 10.05 -3.26 7.99
CA GLY C 93 8.97 -4.10 7.50
C GLY C 93 7.73 -3.91 8.35
N VAL C 94 6.80 -4.86 8.22
CA VAL C 94 5.54 -4.84 8.94
C VAL C 94 5.56 -5.93 10.00
N TYR C 95 5.48 -5.52 11.26
CA TYR C 95 5.48 -6.44 12.39
C TYR C 95 4.04 -6.66 12.87
N ARG C 96 3.77 -7.86 13.35
CA ARG C 96 2.44 -8.22 13.84
C ARG C 96 2.52 -8.68 15.29
N CYS C 97 1.67 -8.11 16.14
CA CYS C 97 1.60 -8.46 17.55
C CYS C 97 0.27 -9.17 17.79
N MET C 98 0.32 -10.50 17.90
CA MET C 98 -0.87 -11.32 18.08
C MET C 98 -0.86 -11.96 19.46
N ILE C 99 -1.90 -11.70 20.24
CA ILE C 99 -2.00 -12.15 21.62
C ILE C 99 -3.31 -12.91 21.81
N SER C 100 -3.26 -14.01 22.57
CA SER C 100 -4.45 -14.81 22.87
C SER C 100 -4.51 -15.03 24.38
N TYR C 101 -5.40 -14.30 25.06
CA TYR C 101 -5.58 -14.43 26.50
C TYR C 101 -7.05 -14.10 26.78
N GLY C 102 -7.85 -15.14 26.98
CA GLY C 102 -9.30 -14.95 27.08
C GLY C 102 -9.89 -14.21 25.91
N GLY C 103 -9.44 -14.55 24.70
CA GLY C 103 -9.83 -13.84 23.50
C GLY C 103 -8.64 -13.71 22.56
N ALA C 104 -8.84 -13.06 21.41
CA ALA C 104 -7.77 -12.95 20.42
C ALA C 104 -7.89 -11.63 19.67
N ASP C 105 -6.75 -11.02 19.39
CA ASP C 105 -6.67 -9.80 18.59
C ASP C 105 -5.23 -9.63 18.14
N TYR C 106 -5.03 -8.74 17.16
CA TYR C 106 -3.68 -8.47 16.68
C TYR C 106 -3.65 -7.09 16.05
N LYS C 107 -2.44 -6.54 15.96
CA LYS C 107 -2.21 -5.24 15.36
C LYS C 107 -0.90 -5.27 14.59
N ARG C 108 -0.74 -4.29 13.71
CA ARG C 108 0.43 -4.18 12.85
C ARG C 108 1.19 -2.91 13.18
N ILE C 109 2.52 -2.97 13.05
CA ILE C 109 3.39 -1.81 13.24
C ILE C 109 4.43 -1.82 12.11
N THR C 110 4.58 -0.69 11.43
CA THR C 110 5.54 -0.54 10.34
C THR C 110 6.79 0.15 10.87
N VAL C 111 7.96 -0.42 10.56
CA VAL C 111 9.23 0.10 11.03
C VAL C 111 10.05 0.53 9.82
N LYS C 112 10.50 1.77 9.83
CA LYS C 112 11.37 2.32 8.79
C LYS C 112 12.68 2.76 9.45
N VAL C 113 13.81 2.36 8.88
CA VAL C 113 15.12 2.63 9.46
C VAL C 113 15.81 3.70 8.65
N ASN C 114 16.13 4.82 9.31
CA ASN C 114 16.85 5.92 8.68
C ASN C 114 18.36 5.68 8.69
N ALA C 115 19.02 6.25 7.70
CA ALA C 115 20.47 6.20 7.67
C ALA C 115 21.04 7.21 8.66
N PRO C 116 22.20 6.93 9.28
CA PRO C 116 22.76 7.87 10.25
C PRO C 116 23.27 9.17 9.61
N ALA D 1 0.86 16.75 -13.51
CA ALA D 1 0.33 15.49 -14.05
C ALA D 1 -1.20 15.54 -14.14
N PHE D 2 -1.73 14.91 -15.17
CA PHE D 2 -3.17 14.83 -15.36
C PHE D 2 -3.82 14.11 -14.19
N THR D 3 -4.92 14.67 -13.69
CA THR D 3 -5.60 14.13 -12.51
C THR D 3 -7.11 14.17 -12.70
N VAL D 4 -7.76 13.08 -12.32
CA VAL D 4 -9.22 12.97 -12.33
C VAL D 4 -9.71 13.11 -10.90
N THR D 5 -10.67 14.00 -10.68
CA THR D 5 -11.19 14.27 -9.35
C THR D 5 -12.67 13.97 -9.28
N VAL D 6 -13.11 13.53 -8.10
CA VAL D 6 -14.51 13.22 -7.84
C VAL D 6 -14.92 13.99 -6.58
N PRO D 7 -15.96 14.81 -6.63
CA PRO D 7 -16.38 15.52 -5.41
C PRO D 7 -16.95 14.61 -4.34
N LYS D 8 -17.48 13.46 -4.73
CA LYS D 8 -18.01 12.48 -3.79
C LYS D 8 -17.56 11.09 -4.22
N ASP D 9 -17.09 10.30 -3.26
CA ASP D 9 -16.70 8.91 -3.52
C ASP D 9 -17.66 7.91 -2.89
N LEU D 10 -18.75 8.38 -2.31
CA LEU D 10 -19.78 7.50 -1.75
C LEU D 10 -21.13 8.16 -1.96
N TYR D 11 -22.03 7.45 -2.63
CA TYR D 11 -23.39 7.92 -2.87
C TYR D 11 -24.36 6.97 -2.18
N VAL D 12 -25.30 7.53 -1.43
CA VAL D 12 -26.37 6.77 -0.79
C VAL D 12 -27.68 7.23 -1.41
N VAL D 13 -28.35 6.32 -2.12
CA VAL D 13 -29.56 6.66 -2.87
C VAL D 13 -30.71 5.78 -2.41
N GLU D 14 -31.93 6.29 -2.60
CA GLU D 14 -33.14 5.57 -2.28
C GLU D 14 -33.58 4.74 -3.48
N TYR D 15 -34.41 3.73 -3.22
CA TYR D 15 -34.89 2.85 -4.27
C TYR D 15 -35.82 3.60 -5.22
N GLY D 16 -35.58 3.46 -6.52
CA GLY D 16 -36.43 4.07 -7.52
C GLY D 16 -36.12 5.51 -7.88
N SER D 17 -35.13 6.13 -7.24
CA SER D 17 -34.80 7.52 -7.50
C SER D 17 -33.78 7.61 -8.64
N ASN D 18 -33.45 8.84 -9.01
CA ASN D 18 -32.44 9.09 -10.03
C ASN D 18 -31.08 9.34 -9.39
N MET D 19 -30.02 9.06 -10.13
CA MET D 19 -28.67 9.15 -9.63
C MET D 19 -27.74 9.72 -10.69
N THR D 20 -26.92 10.68 -10.30
CA THR D 20 -25.94 11.30 -11.19
C THR D 20 -24.59 11.36 -10.48
N ILE D 21 -23.65 10.52 -10.92
CA ILE D 21 -22.33 10.47 -10.34
C ILE D 21 -21.43 11.42 -11.12
N GLU D 22 -20.72 12.28 -10.41
CA GLU D 22 -19.91 13.30 -11.05
C GLU D 22 -18.44 12.88 -11.08
N CYS D 23 -17.76 13.29 -12.16
CA CYS D 23 -16.37 12.91 -12.37
C CYS D 23 -15.77 13.96 -13.31
N LYS D 24 -14.76 14.68 -12.83
CA LYS D 24 -14.25 15.86 -13.51
C LYS D 24 -12.83 15.62 -14.04
N PHE D 25 -12.51 16.32 -15.13
CA PHE D 25 -11.20 16.28 -15.74
C PHE D 25 -10.89 17.66 -16.32
N PRO D 26 -9.63 18.09 -16.29
CA PRO D 26 -9.30 19.46 -16.73
C PRO D 26 -9.39 19.60 -18.25
N VAL D 27 -9.93 20.74 -18.68
CA VAL D 27 -10.10 21.08 -20.09
C VAL D 27 -9.54 22.48 -20.30
N GLU D 28 -8.71 22.66 -21.34
CA GLU D 28 -8.03 23.93 -21.58
C GLU D 28 -8.58 24.62 -22.83
N LYS D 29 -9.53 25.55 -22.62
CA LYS D 29 -10.04 26.49 -23.62
C LYS D 29 -10.83 25.85 -24.75
N GLN D 30 -10.73 24.53 -24.90
CA GLN D 30 -11.42 23.87 -26.00
C GLN D 30 -11.41 22.37 -25.73
N LEU D 31 -12.38 21.68 -26.31
CA LEU D 31 -12.47 20.24 -26.15
C LEU D 31 -12.21 19.59 -27.49
N ASP D 32 -11.21 18.72 -27.54
CA ASP D 32 -10.87 17.98 -28.76
C ASP D 32 -11.58 16.63 -28.65
N LEU D 33 -12.74 16.52 -29.32
CA LEU D 33 -13.52 15.30 -29.22
C LEU D 33 -12.78 14.10 -29.77
N ALA D 34 -11.86 14.31 -30.70
CA ALA D 34 -11.10 13.23 -31.32
C ALA D 34 -10.01 12.65 -30.42
N ALA D 35 -9.66 13.33 -29.32
CA ALA D 35 -8.61 12.87 -28.42
C ALA D 35 -9.13 12.42 -27.07
N LEU D 36 -10.43 12.45 -26.84
CA LEU D 36 -11.01 12.13 -25.54
C LEU D 36 -11.57 10.71 -25.53
N ILE D 37 -11.25 9.96 -24.48
CA ILE D 37 -11.81 8.62 -24.26
C ILE D 37 -12.34 8.56 -22.84
N VAL D 38 -13.62 8.25 -22.69
CA VAL D 38 -14.29 8.16 -21.40
C VAL D 38 -14.88 6.76 -21.28
N TYR D 39 -14.66 6.13 -20.13
CA TYR D 39 -15.11 4.76 -19.90
C TYR D 39 -15.66 4.61 -18.49
N TRP D 40 -16.89 4.11 -18.38
CA TRP D 40 -17.53 3.83 -17.11
C TRP D 40 -17.79 2.33 -17.00
N GLU D 41 -17.59 1.78 -15.80
CA GLU D 41 -17.82 0.35 -15.62
C GLU D 41 -18.12 0.05 -14.17
N MET D 42 -18.71 -1.12 -13.94
CA MET D 42 -18.93 -1.64 -12.60
C MET D 42 -18.98 -3.16 -12.70
N GLU D 43 -18.28 -3.84 -11.80
CA GLU D 43 -18.16 -5.30 -11.82
C GLU D 43 -17.95 -5.85 -13.23
N ASP D 44 -17.17 -5.15 -14.05
CA ASP D 44 -16.80 -5.55 -15.40
C ASP D 44 -17.95 -5.38 -16.40
N LYS D 45 -18.96 -4.57 -16.07
CA LYS D 45 -20.06 -4.30 -16.98
C LYS D 45 -19.81 -2.98 -17.70
N ASN D 46 -19.94 -2.99 -19.02
CA ASN D 46 -19.77 -1.78 -19.79
C ASN D 46 -21.01 -0.90 -19.62
N ILE D 47 -20.79 0.34 -19.21
CA ILE D 47 -21.87 1.30 -19.01
C ILE D 47 -21.79 2.43 -20.02
N ILE D 48 -20.62 3.06 -20.14
CA ILE D 48 -20.39 4.14 -21.09
C ILE D 48 -19.03 3.90 -21.73
N GLN D 49 -18.98 3.96 -23.06
CA GLN D 49 -17.72 3.82 -23.80
C GLN D 49 -17.72 4.89 -24.89
N PHE D 50 -17.19 6.06 -24.55
CA PHE D 50 -17.18 7.22 -25.43
C PHE D 50 -15.75 7.37 -25.92
N VAL D 51 -15.50 6.89 -27.14
CA VAL D 51 -14.16 6.87 -27.73
C VAL D 51 -14.16 7.77 -28.94
N HIS D 52 -13.48 8.91 -28.83
CA HIS D 52 -13.30 9.85 -29.93
C HIS D 52 -14.64 10.28 -30.53
N GLY D 53 -15.56 10.69 -29.65
CA GLY D 53 -16.83 11.23 -30.09
C GLY D 53 -17.91 10.23 -30.45
N GLU D 54 -17.69 8.94 -30.21
CA GLU D 54 -18.67 7.93 -30.61
C GLU D 54 -19.02 7.03 -29.45
N GLU D 55 -20.24 6.48 -29.51
CA GLU D 55 -20.76 5.54 -28.53
C GLU D 55 -21.19 4.27 -29.26
N ASP D 56 -21.09 3.15 -28.57
CA ASP D 56 -21.48 1.85 -29.13
C ASP D 56 -22.53 1.25 -28.20
N LEU D 57 -23.79 1.25 -28.65
CA LEU D 57 -24.86 0.72 -27.83
C LEU D 57 -24.95 -0.80 -27.88
N LYS D 58 -24.18 -1.45 -28.77
CA LYS D 58 -24.18 -2.90 -28.85
C LYS D 58 -23.27 -3.53 -27.82
N VAL D 59 -22.14 -2.88 -27.50
CA VAL D 59 -21.23 -3.42 -26.49
C VAL D 59 -21.65 -3.06 -25.07
N GLN D 60 -22.60 -2.15 -24.91
CA GLN D 60 -23.08 -1.78 -23.59
C GLN D 60 -23.79 -2.96 -22.94
N HIS D 61 -23.66 -3.07 -21.62
CA HIS D 61 -24.32 -4.14 -20.90
C HIS D 61 -25.84 -3.96 -20.96
N SER D 62 -26.55 -5.08 -21.02
CA SER D 62 -28.00 -5.02 -21.16
C SER D 62 -28.67 -4.43 -19.93
N SER D 63 -28.10 -4.64 -18.73
CA SER D 63 -28.71 -4.13 -17.51
C SER D 63 -28.63 -2.62 -17.39
N TYR D 64 -27.80 -1.95 -18.20
CA TYR D 64 -27.64 -0.50 -18.13
C TYR D 64 -28.05 0.18 -19.43
N ARG D 65 -28.75 -0.53 -20.32
CA ARG D 65 -29.20 0.04 -21.58
C ARG D 65 -30.40 0.94 -21.36
N GLN D 66 -30.39 2.10 -22.01
CA GLN D 66 -31.45 3.09 -21.97
C GLN D 66 -31.69 3.66 -20.57
N ARG D 67 -30.85 3.30 -19.60
CA ARG D 67 -30.92 3.85 -18.26
C ARG D 67 -29.74 4.71 -17.91
N ALA D 68 -28.64 4.57 -18.64
CA ALA D 68 -27.41 5.30 -18.37
C ALA D 68 -26.97 5.99 -19.64
N ARG D 69 -26.56 7.25 -19.51
CA ARG D 69 -26.09 8.02 -20.64
C ARG D 69 -25.11 9.07 -20.13
N LEU D 70 -24.19 9.46 -21.00
CA LEU D 70 -23.18 10.45 -20.65
C LEU D 70 -23.67 11.84 -21.03
N LEU D 71 -23.67 12.74 -20.04
CA LEU D 71 -24.16 14.11 -20.25
C LEU D 71 -23.15 14.85 -21.11
N LYS D 72 -23.45 15.00 -22.40
CA LYS D 72 -22.54 15.63 -23.33
C LYS D 72 -22.50 17.16 -23.22
N ASP D 73 -23.53 17.77 -22.63
CA ASP D 73 -23.54 19.23 -22.56
C ASP D 73 -22.45 19.78 -21.65
N GLN D 74 -21.84 18.93 -20.82
CA GLN D 74 -20.82 19.39 -19.88
C GLN D 74 -19.44 18.77 -20.10
N LEU D 75 -19.26 17.97 -21.15
CA LEU D 75 -17.91 17.51 -21.47
C LEU D 75 -16.99 18.68 -21.76
N SER D 76 -17.52 19.75 -22.34
CA SER D 76 -16.73 20.95 -22.58
C SER D 76 -16.40 21.67 -21.28
N LEU D 77 -17.20 21.46 -20.23
CA LEU D 77 -16.93 22.03 -18.93
C LEU D 77 -16.07 21.13 -18.05
N GLY D 78 -15.60 20.00 -18.57
CA GLY D 78 -14.79 19.10 -17.79
C GLY D 78 -15.56 18.21 -16.83
N ASN D 79 -16.78 17.84 -17.17
CA ASN D 79 -17.62 17.00 -16.31
C ASN D 79 -18.05 15.75 -17.08
N ALA D 80 -17.52 14.60 -16.70
CA ALA D 80 -17.97 13.34 -17.26
C ALA D 80 -18.94 12.68 -16.29
N ALA D 81 -20.15 13.23 -16.26
CA ALA D 81 -21.18 12.80 -15.33
C ALA D 81 -21.96 11.64 -15.92
N LEU D 82 -22.13 10.58 -15.12
CA LEU D 82 -22.94 9.43 -15.49
C LEU D 82 -24.28 9.52 -14.79
N GLN D 83 -25.37 9.50 -15.56
CA GLN D 83 -26.72 9.57 -15.02
C GLN D 83 -27.42 8.23 -15.22
N ILE D 84 -27.93 7.68 -14.13
CA ILE D 84 -28.68 6.43 -14.15
C ILE D 84 -30.05 6.68 -13.56
N THR D 85 -31.09 6.28 -14.28
CA THR D 85 -32.47 6.48 -13.86
C THR D 85 -33.06 5.20 -13.30
N ASP D 86 -34.01 5.35 -12.39
CA ASP D 86 -34.71 4.23 -11.75
C ASP D 86 -33.72 3.25 -11.11
N VAL D 87 -32.99 3.76 -10.12
CA VAL D 87 -31.97 2.96 -9.45
C VAL D 87 -32.63 1.80 -8.72
N LYS D 88 -32.03 0.61 -8.86
CA LYS D 88 -32.51 -0.60 -8.21
C LYS D 88 -31.48 -1.07 -7.18
N LEU D 89 -31.86 -2.06 -6.40
CA LEU D 89 -30.95 -2.58 -5.37
C LEU D 89 -29.71 -3.20 -5.98
N GLN D 90 -29.83 -3.79 -7.18
CA GLN D 90 -28.69 -4.42 -7.83
C GLN D 90 -27.67 -3.41 -8.35
N ASP D 91 -28.00 -2.12 -8.39
CA ASP D 91 -27.09 -1.09 -8.86
C ASP D 91 -26.01 -0.73 -7.84
N ALA D 92 -26.01 -1.34 -6.66
CA ALA D 92 -25.01 -1.07 -5.65
C ALA D 92 -23.71 -1.77 -5.97
N GLY D 93 -22.60 -1.06 -5.75
CA GLY D 93 -21.29 -1.60 -6.04
C GLY D 93 -20.28 -0.47 -6.17
N VAL D 94 -19.13 -0.81 -6.77
CA VAL D 94 -18.04 0.13 -6.96
C VAL D 94 -17.94 0.47 -8.44
N TYR D 95 -18.15 1.75 -8.76
CA TYR D 95 -18.08 2.24 -10.12
C TYR D 95 -16.72 2.90 -10.38
N ARG D 96 -16.24 2.80 -11.61
CA ARG D 96 -14.95 3.34 -12.00
C ARG D 96 -15.11 4.33 -13.13
N CYS D 97 -14.52 5.51 -12.97
CA CYS D 97 -14.54 6.57 -13.97
C CYS D 97 -13.13 6.72 -14.50
N MET D 98 -12.87 6.18 -15.69
CA MET D 98 -11.55 6.19 -16.30
C MET D 98 -11.57 7.07 -17.55
N ILE D 99 -10.71 8.08 -17.57
CA ILE D 99 -10.68 9.08 -18.63
C ILE D 99 -9.26 9.16 -19.19
N SER D 100 -9.15 9.31 -20.52
CA SER D 100 -7.86 9.44 -21.21
C SER D 100 -7.93 10.68 -22.09
N TYR D 101 -7.28 11.77 -21.64
CA TYR D 101 -7.25 13.03 -22.38
C TYR D 101 -5.93 13.73 -22.08
N GLY D 102 -4.97 13.63 -23.00
CA GLY D 102 -3.64 14.17 -22.75
C GLY D 102 -3.05 13.66 -21.46
N GLY D 103 -3.23 12.38 -21.17
CA GLY D 103 -2.85 11.78 -19.91
C GLY D 103 -3.90 10.78 -19.48
N ALA D 104 -3.71 10.15 -18.32
CA ALA D 104 -4.64 9.12 -17.88
C ALA D 104 -4.77 9.12 -16.36
N ASP D 105 -6.00 8.90 -15.89
CA ASP D 105 -6.29 8.79 -14.47
C ASP D 105 -7.65 8.13 -14.32
N TYR D 106 -7.94 7.69 -13.10
CA TYR D 106 -9.22 7.07 -12.81
C TYR D 106 -9.51 7.20 -11.32
N LYS D 107 -10.79 7.08 -10.98
CA LYS D 107 -11.25 7.16 -9.60
C LYS D 107 -12.37 6.17 -9.40
N ARG D 108 -12.64 5.87 -8.13
CA ARG D 108 -13.68 4.92 -7.76
C ARG D 108 -14.80 5.64 -7.01
N ILE D 109 -16.02 5.15 -7.20
CA ILE D 109 -17.19 5.67 -6.51
C ILE D 109 -18.01 4.48 -6.04
N THR D 110 -18.36 4.47 -4.74
CA THR D 110 -19.16 3.41 -4.15
C THR D 110 -20.60 3.87 -4.04
N VAL D 111 -21.53 3.04 -4.50
CA VAL D 111 -22.95 3.35 -4.49
C VAL D 111 -23.65 2.32 -3.61
N LYS D 112 -24.40 2.81 -2.62
CA LYS D 112 -25.22 1.99 -1.76
C LYS D 112 -26.67 2.44 -1.90
N VAL D 113 -27.57 1.50 -2.12
CA VAL D 113 -28.99 1.81 -2.35
C VAL D 113 -29.78 1.42 -1.12
N ASN D 114 -30.39 2.40 -0.47
CA ASN D 114 -31.25 2.15 0.68
C ASN D 114 -32.67 1.84 0.25
N ALA D 115 -33.33 0.97 1.00
CA ALA D 115 -34.72 0.66 0.78
C ALA D 115 -35.59 1.75 1.43
N PRO D 116 -36.75 2.07 0.85
CA PRO D 116 -37.63 3.08 1.45
C PRO D 116 -38.32 2.64 2.74
N ALA E 1 45.94 7.10 5.67
CA ALA E 1 45.71 7.16 4.24
C ALA E 1 44.35 6.57 3.88
N PHE E 2 43.70 7.16 2.87
CA PHE E 2 42.40 6.66 2.42
C PHE E 2 42.54 5.23 1.89
N THR E 3 41.64 4.36 2.33
CA THR E 3 41.70 2.95 1.98
C THR E 3 40.30 2.41 1.71
N VAL E 4 40.19 1.63 0.64
CA VAL E 4 38.95 0.93 0.28
C VAL E 4 39.10 -0.53 0.67
N THR E 5 38.13 -1.06 1.41
CA THR E 5 38.20 -2.43 1.90
C THR E 5 37.01 -3.23 1.37
N VAL E 6 37.25 -4.53 1.16
CA VAL E 6 36.22 -5.46 0.68
C VAL E 6 36.16 -6.63 1.65
N PRO E 7 34.98 -6.93 2.23
CA PRO E 7 34.90 -8.06 3.16
C PRO E 7 35.09 -9.42 2.50
N LYS E 8 34.82 -9.53 1.20
CA LYS E 8 35.00 -10.77 0.47
C LYS E 8 35.68 -10.47 -0.87
N ASP E 9 36.68 -11.28 -1.21
CA ASP E 9 37.38 -11.16 -2.48
C ASP E 9 37.07 -12.33 -3.42
N LEU E 10 36.17 -13.22 -3.02
CA LEU E 10 35.76 -14.34 -3.86
C LEU E 10 34.29 -14.62 -3.64
N TYR E 11 33.51 -14.59 -4.71
CA TYR E 11 32.09 -14.90 -4.66
C TYR E 11 31.83 -16.13 -5.53
N VAL E 12 31.13 -17.11 -4.95
CA VAL E 12 30.71 -18.30 -5.67
C VAL E 12 29.20 -18.30 -5.69
N VAL E 13 28.61 -18.15 -6.87
CA VAL E 13 27.17 -18.02 -7.02
C VAL E 13 26.64 -19.08 -7.98
N GLU E 14 25.36 -19.41 -7.81
CA GLU E 14 24.68 -20.33 -8.70
C GLU E 14 24.06 -19.58 -9.87
N TYR E 15 23.78 -20.31 -10.95
CA TYR E 15 23.20 -19.69 -12.13
C TYR E 15 21.77 -19.22 -11.87
N GLY E 16 21.47 -18.01 -12.32
CA GLY E 16 20.13 -17.46 -12.22
C GLY E 16 19.80 -16.78 -10.91
N SER E 17 20.70 -16.80 -9.94
CA SER E 17 20.45 -16.17 -8.65
C SER E 17 20.87 -14.70 -8.70
N ASN E 18 20.64 -13.99 -7.60
CA ASN E 18 21.05 -12.60 -7.49
C ASN E 18 22.41 -12.53 -6.78
N MET E 19 23.14 -11.45 -7.06
CA MET E 19 24.48 -11.27 -6.55
C MET E 19 24.69 -9.82 -6.11
N THR E 20 25.25 -9.65 -4.91
CA THR E 20 25.54 -8.32 -4.36
C THR E 20 26.95 -8.34 -3.78
N ILE E 21 27.90 -7.70 -4.48
CA ILE E 21 29.29 -7.63 -4.05
C ILE E 21 29.50 -6.34 -3.28
N GLU E 22 30.12 -6.43 -2.12
CA GLU E 22 30.29 -5.30 -1.21
C GLU E 22 31.70 -4.70 -1.32
N CYS E 23 31.77 -3.40 -1.09
CA CYS E 23 33.03 -2.65 -1.19
C CYS E 23 32.87 -1.40 -0.33
N LYS E 24 33.69 -1.27 0.71
CA LYS E 24 33.48 -0.27 1.75
C LYS E 24 34.53 0.83 1.74
N PHE E 25 34.11 2.01 2.18
CA PHE E 25 34.95 3.20 2.34
C PHE E 25 34.45 4.01 3.52
N PRO E 26 35.34 4.70 4.24
CA PRO E 26 34.93 5.41 5.46
C PRO E 26 34.11 6.66 5.17
N VAL E 27 33.09 6.89 6.02
CA VAL E 27 32.19 8.03 5.92
C VAL E 27 32.11 8.70 7.29
N GLU E 28 32.26 10.03 7.33
CA GLU E 28 32.26 10.80 8.57
C GLU E 28 31.02 11.68 8.69
N LYS E 29 30.02 11.17 9.43
CA LYS E 29 28.83 11.91 9.87
C LYS E 29 27.86 12.26 8.76
N GLN E 30 28.30 12.18 7.51
CA GLN E 30 27.44 12.50 6.36
C GLN E 30 28.18 12.11 5.09
N LEU E 31 27.41 11.92 4.02
CA LEU E 31 27.95 11.60 2.71
C LEU E 31 27.76 12.79 1.78
N ASP E 32 28.85 13.29 1.21
CA ASP E 32 28.80 14.39 0.25
C ASP E 32 28.77 13.76 -1.15
N LEU E 33 27.57 13.66 -1.72
CA LEU E 33 27.43 12.98 -3.01
C LEU E 33 28.18 13.68 -4.12
N ALA E 34 28.38 15.00 -4.01
CA ALA E 34 29.08 15.75 -5.05
C ALA E 34 30.59 15.53 -5.05
N ALA E 35 31.15 14.94 -4.00
CA ALA E 35 32.58 14.67 -3.92
C ALA E 35 32.90 13.19 -4.04
N LEU E 36 31.89 12.34 -4.18
CA LEU E 36 32.05 10.90 -4.26
C LEU E 36 31.96 10.44 -5.70
N ILE E 37 32.89 9.58 -6.11
CA ILE E 37 32.89 8.98 -7.44
C ILE E 37 33.04 7.48 -7.27
N VAL E 38 32.07 6.73 -7.80
CA VAL E 38 32.07 5.27 -7.74
C VAL E 38 32.04 4.73 -9.16
N TYR E 39 32.91 3.78 -9.44
CA TYR E 39 33.04 3.22 -10.79
C TYR E 39 33.24 1.71 -10.66
N TRP E 40 32.39 0.95 -11.35
CA TRP E 40 32.47 -0.50 -11.37
C TRP E 40 32.78 -0.97 -12.79
N GLU E 41 33.62 -2.00 -12.91
CA GLU E 41 33.96 -2.53 -14.22
C GLU E 41 34.40 -3.98 -14.09
N MET E 42 34.36 -4.69 -15.21
CA MET E 42 34.86 -6.04 -15.29
C MET E 42 35.32 -6.31 -16.72
N GLU E 43 36.48 -6.94 -16.84
CA GLU E 43 37.12 -7.20 -18.13
C GLU E 43 37.06 -5.97 -19.04
N ASP E 44 37.20 -4.77 -18.44
CA ASP E 44 37.25 -3.49 -19.13
C ASP E 44 35.88 -3.04 -19.64
N LYS E 45 34.80 -3.63 -19.12
CA LYS E 45 33.45 -3.24 -19.47
C LYS E 45 32.84 -2.39 -18.37
N ASN E 46 32.19 -1.28 -18.76
CA ASN E 46 31.54 -0.40 -17.80
C ASN E 46 30.25 -1.00 -17.25
N ILE E 47 30.13 -1.01 -15.92
CA ILE E 47 28.94 -1.48 -15.24
C ILE E 47 28.21 -0.34 -14.53
N ILE E 48 28.94 0.45 -13.74
CA ILE E 48 28.38 1.57 -12.98
C ILE E 48 29.33 2.75 -13.09
N GLN E 49 28.78 3.93 -13.37
CA GLN E 49 29.53 5.18 -13.43
C GLN E 49 28.74 6.24 -12.66
N PHE E 50 29.02 6.35 -11.35
CA PHE E 50 28.27 7.22 -10.44
C PHE E 50 29.13 8.42 -10.04
N VAL E 51 28.94 9.55 -10.72
CA VAL E 51 29.71 10.77 -10.52
C VAL E 51 28.79 11.91 -10.09
N HIS E 52 29.00 12.42 -8.88
CA HIS E 52 28.27 13.57 -8.33
C HIS E 52 26.76 13.31 -8.28
N GLY E 53 26.38 12.15 -7.76
CA GLY E 53 24.97 11.91 -7.61
C GLY E 53 24.27 11.55 -8.90
N GLU E 54 25.03 11.29 -9.97
CA GLU E 54 24.49 11.07 -11.29
C GLU E 54 25.02 9.77 -11.87
N GLU E 55 24.22 9.16 -12.75
CA GLU E 55 24.59 7.96 -13.48
C GLU E 55 24.42 8.23 -14.97
N ASP E 56 25.20 7.54 -15.79
CA ASP E 56 25.13 7.66 -17.24
C ASP E 56 24.85 6.27 -17.79
N LEU E 57 23.61 6.05 -18.21
CA LEU E 57 23.21 4.74 -18.72
C LEU E 57 23.62 4.53 -20.17
N LYS E 58 24.09 5.57 -20.86
CA LYS E 58 24.53 5.43 -22.24
C LYS E 58 25.95 4.89 -22.34
N VAL E 59 26.82 5.26 -21.40
CA VAL E 59 28.19 4.74 -21.42
C VAL E 59 28.28 3.34 -20.83
N GLN E 60 27.23 2.88 -20.16
CA GLN E 60 27.22 1.53 -19.63
C GLN E 60 27.23 0.54 -20.78
N HIS E 61 27.90 -0.59 -20.57
CA HIS E 61 27.95 -1.62 -21.61
C HIS E 61 26.56 -2.23 -21.80
N SER E 62 26.27 -2.60 -23.05
CA SER E 62 24.94 -3.14 -23.36
C SER E 62 24.68 -4.46 -22.66
N SER E 63 25.74 -5.24 -22.41
CA SER E 63 25.58 -6.53 -21.76
C SER E 63 25.15 -6.41 -20.30
N TYR E 64 25.23 -5.22 -19.72
CA TYR E 64 24.85 -5.00 -18.32
C TYR E 64 23.68 -4.04 -18.20
N ARG E 65 22.97 -3.79 -19.30
CA ARG E 65 21.80 -2.92 -19.26
C ARG E 65 20.63 -3.66 -18.61
N GLN E 66 19.91 -2.95 -17.75
CA GLN E 66 18.73 -3.47 -17.04
C GLN E 66 19.05 -4.62 -16.10
N ARG E 67 20.32 -4.94 -15.88
CA ARG E 67 20.71 -6.01 -14.95
C ARG E 67 21.48 -5.51 -13.73
N ALA E 68 21.99 -4.29 -13.75
CA ALA E 68 22.86 -3.82 -12.69
C ALA E 68 22.34 -2.51 -12.09
N ARG E 69 22.46 -2.40 -10.76
CA ARG E 69 22.08 -1.20 -10.05
C ARG E 69 23.01 -1.00 -8.87
N LEU E 70 23.25 0.28 -8.55
CA LEU E 70 24.04 0.66 -7.39
C LEU E 70 23.07 0.97 -6.26
N LEU E 71 23.21 0.27 -5.15
CA LEU E 71 22.28 0.44 -4.02
C LEU E 71 22.60 1.75 -3.32
N LYS E 72 21.78 2.78 -3.59
CA LYS E 72 22.02 4.09 -3.02
C LYS E 72 21.64 4.16 -1.55
N ASP E 73 20.82 3.21 -1.07
CA ASP E 73 20.34 3.24 0.30
C ASP E 73 21.44 3.04 1.33
N GLN E 74 22.59 2.50 0.94
CA GLN E 74 23.67 2.25 1.88
C GLN E 74 24.96 2.97 1.53
N LEU E 75 24.96 3.83 0.52
CA LEU E 75 26.12 4.69 0.30
C LEU E 75 26.39 5.56 1.52
N SER E 76 25.32 5.91 2.25
CA SER E 76 25.46 6.67 3.50
C SER E 76 26.14 5.85 4.58
N LEU E 77 26.13 4.53 4.47
CA LEU E 77 26.84 3.64 5.38
C LEU E 77 28.27 3.38 4.93
N GLY E 78 28.69 4.00 3.84
CA GLY E 78 30.04 3.77 3.32
C GLY E 78 30.18 2.48 2.57
N ASN E 79 29.09 1.96 1.98
CA ASN E 79 29.11 0.71 1.23
C ASN E 79 28.57 0.97 -0.17
N ALA E 80 29.44 0.83 -1.17
CA ALA E 80 29.04 0.97 -2.57
C ALA E 80 28.83 -0.43 -3.13
N ALA E 81 27.67 -1.00 -2.81
CA ALA E 81 27.36 -2.36 -3.19
C ALA E 81 26.82 -2.41 -4.62
N LEU E 82 27.36 -3.32 -5.42
CA LEU E 82 26.91 -3.54 -6.78
C LEU E 82 26.02 -4.78 -6.80
N GLN E 83 24.80 -4.62 -7.29
CA GLN E 83 23.84 -5.71 -7.39
C GLN E 83 23.59 -6.03 -8.85
N ILE E 84 23.77 -7.31 -9.21
CA ILE E 84 23.50 -7.78 -10.56
C ILE E 84 22.47 -8.89 -10.49
N THR E 85 21.40 -8.76 -11.26
CA THR E 85 20.31 -9.72 -11.28
C THR E 85 20.42 -10.62 -12.50
N ASP E 86 19.86 -11.82 -12.39
CA ASP E 86 19.89 -12.81 -13.47
C ASP E 86 21.33 -13.12 -13.88
N VAL E 87 22.08 -13.67 -12.92
CA VAL E 87 23.50 -13.96 -13.16
C VAL E 87 23.62 -14.99 -14.27
N LYS E 88 24.52 -14.71 -15.21
CA LYS E 88 24.80 -15.60 -16.33
C LYS E 88 26.21 -16.15 -16.22
N LEU E 89 26.53 -17.09 -17.12
CA LEU E 89 27.87 -17.68 -17.10
C LEU E 89 28.93 -16.65 -17.46
N GLN E 90 28.61 -15.68 -18.31
CA GLN E 90 29.56 -14.67 -18.72
C GLN E 90 29.87 -13.67 -17.61
N ASP E 91 29.09 -13.67 -16.52
CA ASP E 91 29.31 -12.76 -15.42
C ASP E 91 30.49 -13.15 -14.54
N ALA E 92 31.13 -14.29 -14.83
CA ALA E 92 32.29 -14.73 -14.07
C ALA E 92 33.53 -13.97 -14.54
N GLY E 93 34.37 -13.56 -13.59
CA GLY E 93 35.56 -12.81 -13.92
C GLY E 93 36.05 -12.04 -12.71
N VAL E 94 36.89 -11.05 -12.99
CA VAL E 94 37.49 -10.20 -11.96
C VAL E 94 36.85 -8.82 -12.05
N TYR E 95 36.17 -8.42 -10.98
CA TYR E 95 35.52 -7.12 -10.90
C TYR E 95 36.41 -6.14 -10.15
N ARG E 96 36.33 -4.87 -10.53
CA ARG E 96 37.15 -3.82 -9.95
C ARG E 96 36.25 -2.75 -9.33
N CYS E 97 36.53 -2.41 -8.08
CA CYS E 97 35.79 -1.40 -7.33
C CYS E 97 36.71 -0.19 -7.14
N MET E 98 36.47 0.87 -7.91
CA MET E 98 37.29 2.07 -7.87
C MET E 98 36.47 3.22 -7.29
N ILE E 99 36.94 3.79 -6.19
CA ILE E 99 36.21 4.81 -5.45
C ILE E 99 37.12 6.02 -5.26
N SER E 100 36.54 7.21 -5.41
CA SER E 100 37.26 8.47 -5.22
C SER E 100 36.46 9.34 -4.24
N TYR E 101 36.93 9.43 -3.01
CA TYR E 101 36.29 10.26 -1.98
C TYR E 101 37.39 10.75 -1.05
N GLY E 102 37.80 12.00 -1.23
CA GLY E 102 38.93 12.52 -0.48
C GLY E 102 40.17 11.64 -0.60
N GLY E 103 40.45 11.16 -1.80
CA GLY E 103 41.51 10.21 -2.04
C GLY E 103 41.08 9.19 -3.08
N ALA E 104 41.94 8.22 -3.37
CA ALA E 104 41.64 7.24 -4.40
C ALA E 104 42.22 5.90 -4.01
N ASP E 105 41.48 4.84 -4.30
CA ASP E 105 41.91 3.47 -4.06
C ASP E 105 40.98 2.55 -4.84
N TYR E 106 41.42 1.31 -5.03
CA TYR E 106 40.66 0.36 -5.83
C TYR E 106 41.05 -1.02 -5.46
N LYS E 107 40.09 -1.91 -5.43
CA LYS E 107 40.37 -3.27 -5.03
C LYS E 107 39.75 -4.28 -5.99
N ARG E 108 40.03 -5.56 -5.79
CA ARG E 108 39.58 -6.57 -6.73
C ARG E 108 38.77 -7.68 -6.16
N ILE E 109 37.80 -8.20 -6.91
CA ILE E 109 36.95 -9.29 -6.46
C ILE E 109 36.78 -10.26 -7.62
N THR E 110 37.03 -11.55 -7.35
CA THR E 110 36.90 -12.61 -8.35
C THR E 110 35.57 -13.33 -8.15
N VAL E 111 34.81 -13.49 -9.22
CA VAL E 111 33.49 -14.10 -9.19
C VAL E 111 33.51 -15.35 -10.05
N LYS E 112 33.08 -16.47 -9.47
CA LYS E 112 32.96 -17.74 -10.18
C LYS E 112 31.49 -18.16 -10.16
N VAL E 113 30.98 -18.53 -11.33
CA VAL E 113 29.57 -18.88 -11.51
C VAL E 113 29.46 -20.39 -11.70
N ASN E 114 28.65 -21.02 -10.84
CA ASN E 114 28.40 -22.45 -10.95
C ASN E 114 27.40 -22.72 -12.06
N ALA E 115 27.49 -23.91 -12.64
CA ALA E 115 26.57 -24.29 -13.70
C ALA E 115 25.20 -24.63 -13.13
N PRO E 116 24.11 -24.33 -13.86
CA PRO E 116 22.75 -24.60 -13.40
C PRO E 116 22.43 -26.10 -13.36
N ALA F 1 8.54 33.66 24.90
CA ALA F 1 8.26 33.79 23.48
C ALA F 1 6.86 33.27 23.15
N PHE F 2 6.20 33.93 22.20
CA PHE F 2 4.87 33.50 21.77
C PHE F 2 4.93 32.10 21.19
N THR F 3 4.01 31.23 21.63
CA THR F 3 4.02 29.84 21.23
C THR F 3 2.60 29.35 20.95
N VAL F 4 2.46 28.60 19.86
CA VAL F 4 1.22 27.94 19.48
C VAL F 4 1.34 26.46 19.82
N THR F 5 0.35 25.94 20.55
CA THR F 5 0.38 24.56 21.00
C THR F 5 -0.81 23.80 20.44
N VAL F 6 -0.60 22.50 20.18
CA VAL F 6 -1.64 21.62 19.68
C VAL F 6 -1.73 20.39 20.59
N PRO F 7 -2.90 20.07 21.14
CA PRO F 7 -3.00 18.88 22.01
C PRO F 7 -2.82 17.57 21.25
N LYS F 8 -3.09 17.54 19.96
CA LYS F 8 -2.90 16.34 19.15
C LYS F 8 -2.25 16.71 17.83
N ASP F 9 -1.27 15.92 17.42
CA ASP F 9 -0.61 16.11 16.14
C ASP F 9 -0.95 15.00 15.15
N LEU F 10 -1.86 14.10 15.52
CA LEU F 10 -2.30 13.02 14.63
C LEU F 10 -3.76 12.75 14.89
N TYR F 11 -4.59 12.84 13.85
CA TYR F 11 -6.02 12.56 13.93
C TYR F 11 -6.36 11.40 13.02
N VAL F 12 -7.07 10.40 13.55
CA VAL F 12 -7.58 9.28 12.78
C VAL F 12 -9.09 9.35 12.82
N VAL F 13 -9.71 9.56 11.66
CA VAL F 13 -11.15 9.79 11.58
C VAL F 13 -11.77 8.76 10.64
N GLU F 14 -13.06 8.51 10.86
CA GLU F 14 -13.84 7.62 10.01
C GLU F 14 -14.41 8.39 8.83
N TYR F 15 -14.75 7.66 7.77
CA TYR F 15 -15.29 8.31 6.58
C TYR F 15 -16.69 8.85 6.85
N GLY F 16 -16.94 10.09 6.41
CA GLY F 16 -18.24 10.71 6.51
C GLY F 16 -18.55 11.36 7.84
N SER F 17 -17.64 11.29 8.82
CA SER F 17 -17.87 11.88 10.12
C SER F 17 -17.38 13.32 10.13
N ASN F 18 -17.57 14.00 11.26
CA ASN F 18 -17.10 15.36 11.43
C ASN F 18 -15.74 15.36 12.10
N MET F 19 -14.96 16.42 11.87
CA MET F 19 -13.59 16.52 12.35
C MET F 19 -13.33 17.92 12.86
N THR F 20 -12.72 18.01 14.04
CA THR F 20 -12.37 19.29 14.66
C THR F 20 -10.93 19.24 15.14
N ILE F 21 -10.04 19.96 14.46
CA ILE F 21 -8.63 20.01 14.83
C ILE F 21 -8.41 21.21 15.73
N GLU F 22 -7.76 20.99 16.87
CA GLU F 22 -7.58 22.05 17.86
C GLU F 22 -6.18 22.65 17.76
N CYS F 23 -6.09 23.94 18.05
CA CYS F 23 -4.84 24.68 17.94
C CYS F 23 -4.96 25.90 18.84
N LYS F 24 -4.11 26.00 19.87
CA LYS F 24 -4.28 26.97 20.94
C LYS F 24 -3.23 28.06 20.91
N PHE F 25 -3.63 29.24 21.39
CA PHE F 25 -2.77 30.42 21.51
C PHE F 25 -3.23 31.21 22.74
N PRO F 26 -2.30 31.86 23.44
CA PRO F 26 -2.68 32.54 24.69
C PRO F 26 -3.48 33.81 24.48
N VAL F 27 -4.48 34.02 25.34
CA VAL F 27 -5.35 35.18 25.32
C VAL F 27 -5.38 35.78 26.73
N GLU F 28 -5.20 37.09 26.82
CA GLU F 28 -5.09 37.78 28.12
C GLU F 28 -6.32 38.65 28.37
N LYS F 29 -7.27 38.10 29.13
CA LYS F 29 -8.43 38.80 29.70
C LYS F 29 -9.47 39.23 28.67
N GLN F 30 -9.10 39.22 27.39
CA GLN F 30 -9.98 39.61 26.31
C GLN F 30 -9.29 39.30 24.99
N LEU F 31 -10.08 39.21 23.93
CA LEU F 31 -9.56 38.95 22.59
C LEU F 31 -9.70 40.22 21.77
N ASP F 32 -8.58 40.70 21.22
CA ASP F 32 -8.57 41.88 20.37
C ASP F 32 -8.64 41.38 18.92
N LEU F 33 -9.85 41.39 18.36
CA LEU F 33 -10.05 40.84 17.03
C LEU F 33 -9.30 41.63 15.96
N ALA F 34 -9.02 42.91 16.21
CA ALA F 34 -8.33 43.73 15.22
C ALA F 34 -6.85 43.40 15.11
N ALA F 35 -6.29 42.65 16.05
CA ALA F 35 -4.88 42.29 16.02
C ALA F 35 -4.64 40.80 15.76
N LEU F 36 -5.69 40.01 15.58
CA LEU F 36 -5.57 38.57 15.41
C LEU F 36 -5.70 38.19 13.95
N ILE F 37 -4.79 37.35 13.47
CA ILE F 37 -4.83 36.79 12.13
C ILE F 37 -4.69 35.28 12.23
N VAL F 38 -5.68 34.56 11.71
CA VAL F 38 -5.68 33.10 11.72
C VAL F 38 -5.82 32.61 10.28
N TYR F 39 -4.98 31.65 9.90
CA TYR F 39 -4.94 31.14 8.54
C TYR F 39 -4.77 29.63 8.59
N TRP F 40 -5.65 28.91 7.91
CA TRP F 40 -5.60 27.46 7.83
C TRP F 40 -5.33 27.04 6.39
N GLU F 41 -4.52 26.01 6.21
CA GLU F 41 -4.21 25.53 4.87
C GLU F 41 -3.79 24.06 4.93
N MET F 42 -3.86 23.41 3.78
CA MET F 42 -3.40 22.04 3.62
C MET F 42 -2.98 21.83 2.18
N GLU F 43 -1.83 21.17 1.98
CA GLU F 43 -1.25 20.93 0.66
C GLU F 43 -1.34 22.18 -0.21
N ASP F 44 -1.14 23.36 0.38
CA ASP F 44 -1.09 24.65 -0.30
C ASP F 44 -2.47 25.13 -0.71
N LYS F 45 -3.53 24.56 -0.14
CA LYS F 45 -4.91 24.99 -0.40
C LYS F 45 -5.43 25.83 0.75
N ASN F 46 -6.04 26.97 0.43
CA ASN F 46 -6.60 27.85 1.45
C ASN F 46 -7.90 27.28 2.00
N ILE F 47 -8.00 27.19 3.31
CA ILE F 47 -9.19 26.69 4.00
C ILE F 47 -9.88 27.79 4.79
N ILE F 48 -9.12 28.52 5.61
CA ILE F 48 -9.66 29.60 6.44
C ILE F 48 -8.71 30.78 6.37
N GLN F 49 -9.25 31.97 6.17
CA GLN F 49 -8.48 33.21 6.15
C GLN F 49 -9.25 34.22 7.01
N PHE F 50 -8.91 34.26 8.29
CA PHE F 50 -9.60 35.09 9.28
C PHE F 50 -8.68 36.26 9.63
N VAL F 51 -8.95 37.41 9.02
CA VAL F 51 -8.12 38.60 9.16
C VAL F 51 -8.96 39.70 9.82
N HIS F 52 -8.62 40.03 11.06
CA HIS F 52 -9.23 41.15 11.79
C HIS F 52 -10.76 41.02 11.86
N GLY F 53 -11.21 39.85 12.30
CA GLY F 53 -12.61 39.57 12.60
C GLY F 53 -13.53 39.17 11.46
N GLU F 54 -13.04 39.02 10.23
CA GLU F 54 -13.90 38.60 9.13
C GLU F 54 -13.14 37.61 8.26
N GLU F 55 -13.87 36.93 7.37
CA GLU F 55 -13.31 35.92 6.48
C GLU F 55 -13.48 36.29 5.01
N ASP F 56 -12.59 35.73 4.19
CA ASP F 56 -12.59 35.92 2.74
C ASP F 56 -12.72 34.55 2.08
N LEU F 57 -13.91 34.23 1.59
CA LEU F 57 -14.19 32.97 0.88
C LEU F 57 -13.89 33.04 -0.60
N LYS F 58 -13.51 34.21 -1.13
CA LYS F 58 -13.18 34.29 -2.54
C LYS F 58 -11.82 33.66 -2.81
N VAL F 59 -10.91 33.74 -1.85
CA VAL F 59 -9.61 33.08 -1.97
C VAL F 59 -9.66 31.62 -1.55
N GLN F 60 -10.74 31.18 -0.90
CA GLN F 60 -10.84 29.80 -0.45
C GLN F 60 -10.89 28.84 -1.62
N HIS F 61 -10.24 27.69 -1.44
CA HIS F 61 -10.21 26.65 -2.47
C HIS F 61 -11.58 26.00 -2.63
N SER F 62 -11.87 25.56 -3.85
CA SER F 62 -13.18 24.97 -4.13
C SER F 62 -13.41 23.66 -3.38
N SER F 63 -12.34 22.91 -3.10
CA SER F 63 -12.49 21.63 -2.40
C SER F 63 -12.97 21.77 -0.96
N TYR F 64 -12.92 22.99 -0.40
CA TYR F 64 -13.33 23.24 0.97
C TYR F 64 -14.49 24.21 1.06
N ARG F 65 -15.21 24.43 -0.04
CA ARG F 65 -16.35 25.34 -0.03
C ARG F 65 -17.49 24.70 0.74
N GLN F 66 -18.11 25.48 1.63
CA GLN F 66 -19.26 25.06 2.43
C GLN F 66 -18.96 23.85 3.32
N ARG F 67 -17.70 23.43 3.43
CA ARG F 67 -17.34 22.30 4.26
C ARG F 67 -16.49 22.66 5.47
N ALA F 68 -15.93 23.87 5.52
CA ALA F 68 -15.01 24.27 6.57
C ALA F 68 -15.53 25.52 7.27
N ARG F 69 -15.37 25.56 8.59
CA ARG F 69 -15.83 26.70 9.35
C ARG F 69 -14.91 26.91 10.54
N LEU F 70 -14.73 28.16 10.93
CA LEU F 70 -13.95 28.51 12.10
C LEU F 70 -14.91 28.78 13.24
N LEU F 71 -14.75 28.05 14.35
CA LEU F 71 -15.65 28.19 15.50
C LEU F 71 -15.30 29.48 16.23
N LYS F 72 -16.11 30.52 16.03
CA LYS F 72 -15.86 31.82 16.64
C LYS F 72 -16.19 31.84 18.12
N ASP F 73 -17.00 30.89 18.59
CA ASP F 73 -17.44 30.88 19.98
C ASP F 73 -16.31 30.62 20.97
N GLN F 74 -15.17 30.09 20.51
CA GLN F 74 -14.08 29.77 21.42
C GLN F 74 -12.79 30.51 21.09
N LEU F 75 -12.82 31.43 20.14
CA LEU F 75 -11.65 32.29 19.92
C LEU F 75 -11.32 33.07 21.18
N SER F 76 -12.33 33.40 21.98
CA SER F 76 -12.10 34.10 23.25
C SER F 76 -11.37 33.21 24.26
N LEU F 77 -11.43 31.89 24.10
CA LEU F 77 -10.70 30.97 24.95
C LEU F 77 -9.30 30.67 24.43
N GLY F 78 -8.89 31.30 23.33
CA GLY F 78 -7.58 31.04 22.76
C GLY F 78 -7.48 29.77 21.96
N ASN F 79 -8.58 29.32 21.37
CA ASN F 79 -8.61 28.08 20.58
C ASN F 79 -9.16 28.40 19.20
N ALA F 80 -8.31 28.29 18.18
CA ALA F 80 -8.70 28.49 16.79
C ALA F 80 -8.95 27.12 16.17
N ALA F 81 -10.11 26.55 16.49
CA ALA F 81 -10.44 25.20 16.05
C ALA F 81 -11.03 25.24 14.64
N LEU F 82 -10.54 24.35 13.78
CA LEU F 82 -11.04 24.21 12.42
C LEU F 82 -11.96 23.00 12.37
N GLN F 83 -13.20 23.21 11.93
CA GLN F 83 -14.19 22.15 11.83
C GLN F 83 -14.48 21.88 10.37
N ILE F 84 -14.36 20.61 9.97
CA ILE F 84 -14.65 20.17 8.61
C ILE F 84 -15.71 19.08 8.69
N THR F 85 -16.78 19.24 7.91
CA THR F 85 -17.88 18.29 7.91
C THR F 85 -17.80 17.41 6.68
N ASP F 86 -18.33 16.20 6.81
CA ASP F 86 -18.37 15.20 5.74
C ASP F 86 -16.96 14.94 5.20
N VAL F 87 -16.11 14.39 6.08
CA VAL F 87 -14.73 14.14 5.71
C VAL F 87 -14.65 13.12 4.58
N LYS F 88 -13.82 13.40 3.59
CA LYS F 88 -13.61 12.55 2.44
C LYS F 88 -12.20 11.99 2.45
N LEU F 89 -11.92 11.06 1.53
CA LEU F 89 -10.59 10.47 1.46
C LEU F 89 -9.54 11.51 1.09
N GLN F 90 -9.91 12.49 0.28
CA GLN F 90 -8.97 13.53 -0.13
C GLN F 90 -8.62 14.48 1.01
N ASP F 91 -9.36 14.45 2.12
CA ASP F 91 -9.10 15.31 3.26
C ASP F 91 -7.90 14.86 4.09
N ALA F 92 -7.29 13.72 3.76
CA ALA F 92 -6.13 13.24 4.48
C ALA F 92 -4.88 13.98 4.03
N GLY F 93 -4.03 14.34 4.98
CA GLY F 93 -2.83 15.09 4.67
C GLY F 93 -2.32 15.81 5.91
N VAL F 94 -1.45 16.78 5.66
CA VAL F 94 -0.82 17.58 6.73
C VAL F 94 -1.43 18.98 6.70
N TYR F 95 -2.09 19.35 7.78
CA TYR F 95 -2.70 20.67 7.94
C TYR F 95 -1.76 21.57 8.72
N ARG F 96 -1.79 22.86 8.40
CA ARG F 96 -0.92 23.85 9.04
C ARG F 96 -1.77 24.92 9.71
N CYS F 97 -1.47 25.20 10.98
CA CYS F 97 -2.17 26.18 11.80
C CYS F 97 -1.24 27.37 12.03
N MET F 98 -1.49 28.47 11.32
CA MET F 98 -0.65 29.66 11.39
C MET F 98 -1.43 30.79 12.06
N ILE F 99 -0.91 31.30 13.17
CA ILE F 99 -1.58 32.31 13.97
C ILE F 99 -0.62 33.48 14.16
N SER F 100 -1.16 34.70 14.07
CA SER F 100 -0.39 35.93 14.28
C SER F 100 -1.15 36.80 15.26
N TYR F 101 -0.68 36.85 16.51
CA TYR F 101 -1.30 37.67 17.54
C TYR F 101 -0.17 38.11 18.49
N GLY F 102 0.28 39.35 18.32
CA GLY F 102 1.43 39.83 19.08
C GLY F 102 2.63 38.91 18.96
N GLY F 103 2.90 38.43 17.75
CA GLY F 103 3.94 37.45 17.50
C GLY F 103 3.50 36.45 16.46
N ALA F 104 4.34 35.47 16.15
CA ALA F 104 4.00 34.52 15.10
C ALA F 104 4.56 33.14 15.42
N ASP F 105 3.78 32.11 15.09
CA ASP F 105 4.18 30.72 15.26
C ASP F 105 3.20 29.86 14.45
N TYR F 106 3.58 28.60 14.24
CA TYR F 106 2.69 27.68 13.55
C TYR F 106 3.05 26.26 13.93
N LYS F 107 2.09 25.35 13.73
CA LYS F 107 2.27 23.94 14.07
C LYS F 107 1.61 23.08 13.01
N ARG F 108 1.97 21.80 13.01
CA ARG F 108 1.49 20.84 12.01
C ARG F 108 0.63 19.77 12.66
N ILE F 109 -0.37 19.30 11.91
CA ILE F 109 -1.23 18.19 12.31
C ILE F 109 -1.42 17.28 11.11
N THR F 110 -1.20 15.98 11.31
CA THR F 110 -1.35 14.99 10.26
C THR F 110 -2.71 14.29 10.43
N VAL F 111 -3.47 14.21 9.34
CA VAL F 111 -4.81 13.64 9.35
C VAL F 111 -4.86 12.43 8.43
N LYS F 112 -5.36 11.31 8.95
CA LYS F 112 -5.57 10.09 8.17
C LYS F 112 -7.05 9.75 8.19
N VAL F 113 -7.60 9.49 7.00
CA VAL F 113 -9.02 9.19 6.83
C VAL F 113 -9.14 7.70 6.55
N ASN F 114 -9.93 7.02 7.36
CA ASN F 114 -10.13 5.59 7.21
C ASN F 114 -11.05 5.27 6.03
N ALA F 115 -10.91 4.06 5.51
CA ALA F 115 -11.69 3.64 4.37
C ALA F 115 -13.16 3.46 4.75
N PRO F 116 -14.07 3.67 3.79
CA PRO F 116 -15.52 3.58 4.04
C PRO F 116 -15.97 2.17 4.45
#